data_9UH6
#
_entry.id   9UH6
#
_cell.length_a   1.00
_cell.length_b   1.00
_cell.length_c   1.00
_cell.angle_alpha   90.00
_cell.angle_beta   90.00
_cell.angle_gamma   90.00
#
_symmetry.space_group_name_H-M   'P 1'
#
loop_
_entity.id
_entity.type
_entity.pdbx_description
1 polymer 'Propionyl-CoA carboxylase alpha chain, mitochondrial'
2 polymer 'Propionyl-CoA carboxylase beta chain, mitochondrial'
3 polymer 'Propionyl-CoA carboxylase beta chain, mitochondrial'
4 non-polymer BIOTIN
5 non-polymer "ADENOSINE-5'-DIPHOSPHATE"
6 non-polymer 'MAGNESIUM ION'
7 non-polymer 'propionyl Coenzyme A'
#
loop_
_entity_poly.entity_id
_entity_poly.type
_entity_poly.pdbx_seq_one_letter_code
_entity_poly.pdbx_strand_id
1 'polypeptide(L)'
;MAGFWVGTAPLVAAGRRGRWPPQQLMLSAALRTLKHVLYYSRQCLMVSRNLGSVGYDPNEKTFDKILVANRGEIACRVIR
TCKKMGIKTVAIHSDVDASSVHVKMADEAVCVGPAPTSKSYLNMDAIMEAIKKTRAQAVHPGYGFLSENKEFARCLAAED
VVFIGPDTHAIQAMGDKIESKLLAKKAEVNTIPGFDGVVKDAEEAVRIAREIGYPVMIKASAGGGGKGMRIAWDDEETRD
GFRLSSQEAASSFGDDRLLIEKFIDNPRHIEIQVLGDKHGNALWLNERECSIQRRNQKVVEEAPSIFLDAETRRAMGEQA
VALARAVKYSSAGTVEFLVDSKKNFYFLEMNTRLQVEHPVTECITGLDLVQEMIRVAKGYPLRHKQADIRINGWAVECRV
YAEDPYKSFGLPSIGRLSQYQEPLHLPGVRVDSGIQPGSDISIYYDPMISKLITYGSDRTEALKRMADALDNYVIRGVTH
NIALLREVIINSRFVKGDISTKFLSDVYPDGFKGHMLTKSEKNQLLAIASSLFVAFQLRAQHFQENSRMPVIKPDIANWE
LSVKLHDKVHTVVASNNGSVFSVEVDGSKLNVTSTWNLASPLLSVSVDGTQRTVQCLSREAGGNMSIQFLGTVYKVNILT
RLAAELNKFMLEKVTEDTSSVLRSPMPGVVVAVSVKPGDAVAEGQEICVIEAMKMQNSMTAGKTGTVKSVHCQAGDTVGE
GDLLVELE
;
A
2 'polypeptide(L)'
;DPSDRLVPELDTIVPLESTKAYNMVDIIHSVVDEREFFEIMPNYAKNIIVGFARMNGRTVGIVGNQPKVASGCLDINSSV
KGARFVRFCDAFNIPLITFVDVPGFLPGTAQEYGGIIRHGAKLLYAFAEATVPKVTVITRKAYGGAYDVMSSKHLCGDTN
YAWPTAEIAVMGAKGAVEIIFKGHENVEAAQAEYIEKFANPFPAAVRGFVDDIIQPSSTRARICCDLDVLASKKVQRPWR
KHANIPL
;
B
3 'polypeptide(L)'
;MAAALRVAAVGARLSVLASGLRAAVRSLCSQATSVNERIENKRRTALLGGGQRRIDAQHKRGKLTARERISLLLDPGSFV
ESDMFVEHRCADFGMAADKNKFPGDSVVTGRGRINGRLVYVFSQDFTVFGGSLSGAHAQKICKIMDQAITVGAPVIGLND
SGGARIQEGVESLAGYADIFLRNVTASGVIPQISLIMGPCAGGAVYSPALTDFTFMVKDTSYLFITGPDVVKSVTNEDVT
QEELGGAKTHTTMSGVAHRAFENDVDALCNLRDFFNYLPLSSQDPAPVRECH
;
F
#
loop_
_chem_comp.id
_chem_comp.type
_chem_comp.name
_chem_comp.formula
1VU non-polymer 'propionyl Coenzyme A' 'C24 H40 N7 O17 P3 S'
ADP non-polymer ADENOSINE-5'-DIPHOSPHATE 'C10 H15 N5 O10 P2'
BTN non-polymer BIOTIN 'C10 H16 N2 O3 S'
MG non-polymer 'MAGNESIUM ION' 'Mg 2'
#
# COMPACT_ATOMS: atom_id res chain seq x y z
N TYR A 56 -30.78 -18.65 20.93
CA TYR A 56 -29.45 -19.09 20.55
C TYR A 56 -29.26 -20.58 20.83
N ASP A 57 -30.35 -21.32 20.81
CA ASP A 57 -30.29 -22.75 21.07
C ASP A 57 -29.78 -23.47 19.83
N PRO A 58 -28.66 -24.20 19.92
CA PRO A 58 -28.14 -24.94 18.76
C PRO A 58 -28.69 -26.35 18.62
N ASN A 59 -29.58 -26.79 19.51
CA ASN A 59 -30.11 -28.14 19.43
C ASN A 59 -30.94 -28.34 18.17
N GLU A 60 -31.72 -27.33 17.78
CA GLU A 60 -32.58 -27.45 16.61
C GLU A 60 -31.74 -27.58 15.34
N LYS A 61 -32.19 -28.45 14.45
CA LYS A 61 -31.46 -28.70 13.20
C LYS A 61 -31.54 -27.47 12.29
N THR A 62 -30.44 -27.24 11.56
CA THR A 62 -30.36 -26.11 10.64
C THR A 62 -29.38 -26.51 9.54
N PHE A 63 -29.41 -25.75 8.44
CA PHE A 63 -28.47 -25.97 7.34
C PHE A 63 -27.04 -25.90 7.84
N ASP A 64 -26.20 -26.81 7.37
CA ASP A 64 -24.81 -26.86 7.79
C ASP A 64 -23.86 -26.14 6.84
N LYS A 65 -24.37 -25.62 5.72
CA LYS A 65 -23.53 -24.91 4.76
C LYS A 65 -24.33 -23.75 4.17
N ILE A 66 -23.86 -22.54 4.41
CA ILE A 66 -24.46 -21.32 3.89
C ILE A 66 -23.46 -20.62 3.01
N LEU A 67 -23.90 -20.16 1.85
CA LEU A 67 -23.06 -19.37 0.95
C LEU A 67 -23.57 -17.94 0.95
N VAL A 68 -22.69 -17.00 1.29
CA VAL A 68 -23.02 -15.58 1.38
C VAL A 68 -22.48 -14.91 0.12
N ALA A 69 -23.33 -14.77 -0.90
CA ALA A 69 -22.93 -14.19 -2.18
C ALA A 69 -23.05 -12.66 -2.11
N ASN A 70 -22.18 -12.08 -1.29
CA ASN A 70 -22.16 -10.63 -1.12
C ASN A 70 -20.80 -10.23 -0.55
N ARG A 71 -20.62 -8.94 -0.33
CA ARG A 71 -19.37 -8.38 0.17
C ARG A 71 -19.69 -7.27 1.17
N GLY A 72 -18.65 -6.62 1.66
CA GLY A 72 -18.83 -5.52 2.58
C GLY A 72 -19.17 -5.98 3.99
N GLU A 73 -19.83 -5.10 4.73
CA GLU A 73 -20.16 -5.38 6.13
C GLU A 73 -21.34 -6.34 6.27
N ILE A 74 -22.23 -6.38 5.28
CA ILE A 74 -23.36 -7.31 5.36
C ILE A 74 -22.87 -8.75 5.35
N ALA A 75 -21.88 -9.04 4.51
CA ALA A 75 -21.30 -10.38 4.49
C ALA A 75 -20.68 -10.72 5.84
N CYS A 76 -19.96 -9.77 6.45
CA CYS A 76 -19.36 -10.01 7.76
C CYS A 76 -20.42 -10.26 8.81
N ARG A 77 -21.51 -9.49 8.78
CA ARG A 77 -22.58 -9.68 9.76
C ARG A 77 -23.24 -11.05 9.61
N VAL A 78 -23.51 -11.45 8.37
CA VAL A 78 -24.11 -12.76 8.14
C VAL A 78 -23.17 -13.86 8.59
N ILE A 79 -21.87 -13.71 8.32
CA ILE A 79 -20.89 -14.71 8.75
C ILE A 79 -20.86 -14.79 10.26
N ARG A 80 -20.90 -13.65 10.95
CA ARG A 80 -20.88 -13.65 12.41
C ARG A 80 -22.12 -14.34 12.97
N THR A 81 -23.29 -14.05 12.41
CA THR A 81 -24.51 -14.70 12.89
C THR A 81 -24.46 -16.21 12.65
N CYS A 82 -23.98 -16.63 11.48
CA CYS A 82 -23.87 -18.06 11.20
C CYS A 82 -22.89 -18.74 12.14
N LYS A 83 -21.77 -18.06 12.45
CA LYS A 83 -20.82 -18.62 13.40
C LYS A 83 -21.46 -18.76 14.78
N LYS A 84 -22.25 -17.77 15.19
CA LYS A 84 -23.01 -17.90 16.43
C LYS A 84 -23.97 -19.09 16.36
N MET A 85 -24.51 -19.37 15.18
CA MET A 85 -25.32 -20.57 14.97
C MET A 85 -24.50 -21.84 14.83
N GLY A 86 -23.17 -21.73 14.79
CA GLY A 86 -22.35 -22.92 14.57
C GLY A 86 -22.54 -23.53 13.21
N ILE A 87 -22.56 -22.71 12.17
CA ILE A 87 -22.80 -23.15 10.80
C ILE A 87 -21.61 -22.77 9.94
N LYS A 88 -21.12 -23.71 9.15
CA LYS A 88 -20.01 -23.44 8.25
C LYS A 88 -20.42 -22.38 7.22
N THR A 89 -19.51 -21.46 6.93
CA THR A 89 -19.75 -20.37 6.00
C THR A 89 -18.82 -20.49 4.81
N VAL A 90 -19.34 -20.17 3.63
CA VAL A 90 -18.56 -20.15 2.40
C VAL A 90 -18.73 -18.78 1.77
N ALA A 91 -17.62 -18.13 1.44
CA ALA A 91 -17.64 -16.77 0.93
C ALA A 91 -17.13 -16.73 -0.50
N ILE A 92 -17.68 -15.82 -1.29
CA ILE A 92 -17.23 -15.56 -2.64
C ILE A 92 -16.52 -14.22 -2.65
N HIS A 93 -15.55 -14.08 -3.56
CA HIS A 93 -14.78 -12.85 -3.63
C HIS A 93 -14.18 -12.72 -5.02
N SER A 94 -14.03 -11.47 -5.45
CA SER A 94 -13.35 -11.20 -6.71
C SER A 94 -11.84 -11.35 -6.52
N ASP A 95 -11.08 -11.06 -7.58
CA ASP A 95 -9.62 -11.13 -7.48
C ASP A 95 -9.08 -10.08 -6.52
N VAL A 96 -9.65 -8.88 -6.55
CA VAL A 96 -9.16 -7.80 -5.68
C VAL A 96 -9.43 -8.12 -4.23
N ASP A 97 -10.65 -8.57 -3.91
CA ASP A 97 -11.04 -8.80 -2.53
C ASP A 97 -10.55 -10.16 -2.04
N ALA A 98 -9.27 -10.46 -2.23
CA ALA A 98 -8.70 -11.71 -1.75
C ALA A 98 -8.24 -11.64 -0.31
N SER A 99 -8.16 -10.45 0.27
CA SER A 99 -7.70 -10.27 1.64
C SER A 99 -8.68 -9.41 2.45
N SER A 100 -9.95 -9.39 2.05
CA SER A 100 -10.95 -8.63 2.76
C SER A 100 -11.26 -9.28 4.10
N VAL A 101 -11.99 -8.54 4.93
CA VAL A 101 -12.33 -9.04 6.27
C VAL A 101 -13.27 -10.25 6.17
N HIS A 102 -14.27 -10.16 5.29
CA HIS A 102 -15.27 -11.24 5.21
C HIS A 102 -14.66 -12.52 4.69
N VAL A 103 -13.76 -12.44 3.70
CA VAL A 103 -13.19 -13.65 3.13
C VAL A 103 -12.28 -14.35 4.16
N LYS A 104 -11.63 -13.58 5.03
CA LYS A 104 -10.83 -14.18 6.09
C LYS A 104 -11.69 -14.72 7.22
N MET A 105 -12.82 -14.08 7.51
CA MET A 105 -13.68 -14.54 8.59
C MET A 105 -14.30 -15.89 8.26
N ALA A 106 -14.67 -16.10 7.01
CA ALA A 106 -15.32 -17.34 6.61
C ALA A 106 -14.32 -18.50 6.64
N ASP A 107 -14.85 -19.71 6.46
CA ASP A 107 -14.03 -20.91 6.47
C ASP A 107 -13.44 -21.20 5.08
N GLU A 108 -14.29 -21.33 4.07
CA GLU A 108 -13.86 -21.53 2.71
C GLU A 108 -13.89 -20.22 1.93
N ALA A 109 -13.31 -20.24 0.74
CA ALA A 109 -13.25 -19.06 -0.11
C ALA A 109 -13.08 -19.49 -1.55
N VAL A 110 -13.98 -19.02 -2.41
CA VAL A 110 -13.96 -19.35 -3.83
C VAL A 110 -13.94 -18.06 -4.63
N CYS A 111 -12.99 -17.95 -5.55
CA CYS A 111 -12.97 -16.80 -6.45
C CYS A 111 -14.10 -16.90 -7.46
N VAL A 112 -14.47 -15.75 -8.03
CA VAL A 112 -15.57 -15.70 -8.98
C VAL A 112 -15.21 -14.97 -10.27
N GLY A 113 -14.12 -14.23 -10.35
CA GLY A 113 -13.75 -13.57 -11.58
C GLY A 113 -12.94 -12.31 -11.38
N PRO A 114 -13.05 -11.38 -12.33
CA PRO A 114 -12.21 -10.17 -12.29
C PRO A 114 -12.74 -9.10 -11.35
N ALA A 115 -12.09 -7.94 -11.36
CA ALA A 115 -12.47 -6.86 -10.46
C ALA A 115 -13.87 -6.32 -10.68
N PRO A 116 -14.31 -6.00 -11.91
CA PRO A 116 -15.62 -5.34 -12.06
C PRO A 116 -16.76 -6.19 -11.54
N THR A 117 -17.77 -5.51 -10.99
CA THR A 117 -18.91 -6.19 -10.40
C THR A 117 -19.80 -6.88 -11.43
N SER A 118 -19.72 -6.47 -12.70
CA SER A 118 -20.54 -7.10 -13.73
C SER A 118 -20.10 -8.52 -14.04
N LYS A 119 -18.87 -8.89 -13.68
CA LYS A 119 -18.35 -10.22 -13.95
C LYS A 119 -17.97 -10.99 -12.69
N SER A 120 -18.08 -10.38 -11.51
CA SER A 120 -17.67 -11.02 -10.27
C SER A 120 -18.84 -11.30 -9.35
N TYR A 121 -19.60 -10.27 -8.98
CA TYR A 121 -20.73 -10.44 -8.07
C TYR A 121 -22.07 -10.48 -8.80
N LEU A 122 -22.08 -10.32 -10.12
CA LEU A 122 -23.29 -10.43 -10.92
C LEU A 122 -23.20 -11.56 -11.93
N ASN A 123 -22.25 -12.47 -11.78
CA ASN A 123 -22.03 -13.55 -12.74
C ASN A 123 -22.84 -14.77 -12.32
N MET A 124 -23.76 -15.18 -13.19
CA MET A 124 -24.58 -16.36 -12.92
C MET A 124 -23.73 -17.62 -12.86
N ASP A 125 -22.90 -17.84 -13.89
CA ASP A 125 -22.14 -19.07 -14.00
C ASP A 125 -21.18 -19.25 -12.83
N ALA A 126 -20.50 -18.17 -12.44
CA ALA A 126 -19.55 -18.27 -11.33
C ALA A 126 -20.24 -18.78 -10.08
N ILE A 127 -21.41 -18.22 -9.75
CA ILE A 127 -22.14 -18.66 -8.57
C ILE A 127 -22.62 -20.09 -8.73
N MET A 128 -23.05 -20.46 -9.95
CA MET A 128 -23.52 -21.83 -10.17
C MET A 128 -22.41 -22.85 -9.90
N GLU A 129 -21.24 -22.66 -10.51
CA GLU A 129 -20.14 -23.57 -10.23
C GLU A 129 -19.65 -23.47 -8.79
N ALA A 130 -19.72 -22.30 -8.16
CA ALA A 130 -19.35 -22.20 -6.75
C ALA A 130 -20.26 -23.05 -5.88
N ILE A 131 -21.56 -22.99 -6.13
CA ILE A 131 -22.51 -23.82 -5.41
C ILE A 131 -22.25 -25.30 -5.68
N LYS A 132 -22.01 -25.64 -6.96
CA LYS A 132 -21.83 -27.04 -7.32
C LYS A 132 -20.60 -27.62 -6.63
N LYS A 133 -19.47 -26.92 -6.68
CA LYS A 133 -18.26 -27.41 -6.02
C LYS A 133 -18.43 -27.43 -4.50
N THR A 134 -19.04 -26.38 -3.94
CA THR A 134 -19.16 -26.29 -2.49
C THR A 134 -20.26 -27.22 -1.97
N ARG A 135 -21.32 -27.41 -2.76
CA ARG A 135 -22.51 -28.14 -2.32
C ARG A 135 -23.12 -27.51 -1.07
N ALA A 136 -23.15 -26.17 -1.05
CA ALA A 136 -23.73 -25.45 0.07
C ALA A 136 -25.24 -25.69 0.14
N GLN A 137 -25.75 -25.87 1.36
CA GLN A 137 -27.16 -26.19 1.52
C GLN A 137 -28.05 -24.98 1.23
N ALA A 138 -27.66 -23.80 1.71
CA ALA A 138 -28.49 -22.61 1.57
C ALA A 138 -27.67 -21.45 1.04
N VAL A 139 -28.36 -20.51 0.39
CA VAL A 139 -27.71 -19.35 -0.19
C VAL A 139 -28.39 -18.08 0.30
N HIS A 140 -27.59 -17.15 0.83
CA HIS A 140 -28.08 -15.88 1.37
C HIS A 140 -27.49 -14.74 0.57
N PRO A 141 -28.29 -13.90 -0.09
CA PRO A 141 -27.73 -12.83 -0.93
C PRO A 141 -27.42 -11.56 -0.16
N GLY A 142 -28.06 -11.37 0.99
CA GLY A 142 -27.92 -10.12 1.71
C GLY A 142 -28.84 -9.08 1.13
N TYR A 143 -28.27 -7.94 0.72
CA TYR A 143 -29.03 -6.90 0.04
C TYR A 143 -28.20 -6.36 -1.11
N GLY A 144 -28.90 -5.85 -2.12
CA GLY A 144 -28.23 -5.33 -3.31
C GLY A 144 -27.78 -6.45 -4.22
N PHE A 145 -27.02 -6.06 -5.25
CA PHE A 145 -26.48 -6.98 -6.23
C PHE A 145 -27.57 -7.86 -6.85
N LEU A 146 -27.65 -9.10 -6.39
CA LEU A 146 -28.60 -10.08 -6.93
C LEU A 146 -29.75 -10.35 -5.97
N SER A 147 -30.01 -9.45 -5.03
CA SER A 147 -31.08 -9.69 -4.06
C SER A 147 -32.45 -9.68 -4.72
N GLU A 148 -32.67 -8.76 -5.65
CA GLU A 148 -33.97 -8.59 -6.30
C GLU A 148 -33.97 -9.13 -7.72
N ASN A 149 -33.28 -10.25 -7.94
CA ASN A 149 -33.19 -10.88 -9.25
C ASN A 149 -34.06 -12.12 -9.26
N LYS A 150 -35.16 -12.08 -10.01
CA LYS A 150 -36.03 -13.25 -10.11
C LYS A 150 -35.35 -14.39 -10.87
N GLU A 151 -34.57 -14.04 -11.90
CA GLU A 151 -33.84 -15.06 -12.65
C GLU A 151 -32.88 -15.82 -11.74
N PHE A 152 -32.08 -15.09 -10.98
CA PHE A 152 -31.24 -15.71 -9.96
C PHE A 152 -32.08 -16.54 -9.00
N ALA A 153 -33.25 -16.03 -8.63
CA ALA A 153 -34.08 -16.70 -7.64
C ALA A 153 -34.50 -18.09 -8.11
N ARG A 154 -35.10 -18.19 -9.31
CA ARG A 154 -35.56 -19.52 -9.69
C ARG A 154 -34.42 -20.39 -10.20
N CYS A 155 -33.34 -19.80 -10.73
CA CYS A 155 -32.17 -20.61 -11.05
C CYS A 155 -31.61 -21.28 -9.80
N LEU A 156 -31.58 -20.54 -8.69
CA LEU A 156 -31.16 -21.13 -7.42
C LEU A 156 -32.17 -22.20 -6.96
N ALA A 157 -33.46 -21.86 -6.97
CA ALA A 157 -34.46 -22.73 -6.38
C ALA A 157 -34.76 -23.97 -7.22
N ALA A 158 -34.31 -24.03 -8.46
CA ALA A 158 -34.68 -25.14 -9.34
C ALA A 158 -34.18 -26.49 -8.83
N GLU A 159 -32.86 -26.69 -8.84
CA GLU A 159 -32.34 -28.03 -8.59
C GLU A 159 -32.57 -28.53 -7.17
N ASP A 160 -31.83 -27.98 -6.21
CA ASP A 160 -32.04 -28.35 -4.81
C ASP A 160 -31.75 -27.23 -3.83
N VAL A 161 -31.38 -26.04 -4.28
CA VAL A 161 -30.81 -25.02 -3.40
C VAL A 161 -31.93 -24.18 -2.79
N VAL A 162 -31.86 -23.97 -1.48
CA VAL A 162 -32.80 -23.11 -0.78
C VAL A 162 -32.19 -21.72 -0.66
N PHE A 163 -33.02 -20.70 -0.88
CA PHE A 163 -32.59 -19.32 -1.01
C PHE A 163 -33.26 -18.50 0.09
N ILE A 164 -32.45 -17.92 0.96
CA ILE A 164 -33.00 -17.12 2.07
C ILE A 164 -33.54 -15.82 1.48
N GLY A 165 -34.87 -15.71 1.41
CA GLY A 165 -35.52 -14.55 0.87
C GLY A 165 -36.95 -14.84 0.48
N PRO A 166 -37.62 -13.87 -0.12
CA PRO A 166 -39.01 -14.07 -0.55
C PRO A 166 -39.07 -14.85 -1.86
N ASP A 167 -40.23 -15.45 -2.09
CA ASP A 167 -40.45 -16.21 -3.31
C ASP A 167 -40.50 -15.28 -4.53
N THR A 168 -40.22 -15.85 -5.69
CA THR A 168 -40.16 -15.06 -6.92
C THR A 168 -41.50 -14.42 -7.25
N HIS A 169 -42.61 -14.99 -6.79
CA HIS A 169 -43.91 -14.40 -7.06
C HIS A 169 -44.04 -13.02 -6.41
N ALA A 170 -43.60 -12.88 -5.17
CA ALA A 170 -43.67 -11.60 -4.49
C ALA A 170 -42.76 -10.58 -5.15
N ILE A 171 -41.56 -11.00 -5.58
CA ILE A 171 -40.65 -10.08 -6.26
C ILE A 171 -41.25 -9.61 -7.58
N GLN A 172 -41.83 -10.54 -8.34
CA GLN A 172 -42.46 -10.17 -9.61
C GLN A 172 -43.63 -9.22 -9.37
N ALA A 173 -44.41 -9.45 -8.31
CA ALA A 173 -45.52 -8.56 -8.00
C ALA A 173 -45.02 -7.17 -7.66
N MET A 174 -44.08 -7.07 -6.72
CA MET A 174 -43.47 -5.79 -6.37
C MET A 174 -42.17 -5.55 -7.12
N GLY A 175 -42.21 -5.74 -8.44
CA GLY A 175 -41.08 -5.42 -9.29
C GLY A 175 -41.28 -4.15 -10.10
N ASP A 176 -42.54 -3.77 -10.31
CA ASP A 176 -42.87 -2.56 -11.07
C ASP A 176 -43.80 -1.69 -10.23
N LYS A 177 -43.72 -0.38 -10.47
CA LYS A 177 -44.46 0.57 -9.64
C LYS A 177 -45.95 0.50 -9.89
N ILE A 178 -46.36 0.37 -11.16
CA ILE A 178 -47.79 0.42 -11.49
C ILE A 178 -48.51 -0.81 -10.94
N GLU A 179 -47.93 -2.00 -11.15
CA GLU A 179 -48.55 -3.22 -10.63
C GLU A 179 -48.60 -3.21 -9.11
N SER A 180 -47.52 -2.76 -8.47
CA SER A 180 -47.51 -2.67 -7.02
C SER A 180 -48.58 -1.71 -6.52
N LYS A 181 -48.73 -0.56 -7.19
CA LYS A 181 -49.72 0.41 -6.77
C LYS A 181 -51.14 -0.13 -6.92
N LEU A 182 -51.42 -0.81 -8.04
CA LEU A 182 -52.77 -1.35 -8.21
C LEU A 182 -53.03 -2.49 -7.24
N LEU A 183 -52.02 -3.30 -6.93
CA LEU A 183 -52.19 -4.34 -5.93
C LEU A 183 -52.46 -3.75 -4.55
N ALA A 184 -51.74 -2.68 -4.20
CA ALA A 184 -51.97 -2.02 -2.92
C ALA A 184 -53.38 -1.42 -2.86
N LYS A 185 -53.83 -0.82 -3.96
CA LYS A 185 -55.19 -0.30 -4.01
C LYS A 185 -56.20 -1.44 -3.83
N LYS A 186 -55.93 -2.59 -4.45
CA LYS A 186 -56.77 -3.77 -4.21
C LYS A 186 -56.63 -4.30 -2.80
N ALA A 187 -55.56 -3.94 -2.09
CA ALA A 187 -55.32 -4.40 -0.73
C ALA A 187 -55.89 -3.46 0.32
N GLU A 188 -56.82 -2.59 -0.06
CA GLU A 188 -57.50 -1.63 0.81
C GLU A 188 -56.54 -0.98 1.81
N VAL A 189 -55.54 -0.29 1.26
CA VAL A 189 -54.59 0.49 2.05
C VAL A 189 -54.57 1.91 1.49
N ASN A 190 -54.08 2.84 2.31
CA ASN A 190 -54.01 4.24 1.91
C ASN A 190 -52.92 4.40 0.87
N THR A 191 -53.32 4.42 -0.40
CA THR A 191 -52.39 4.61 -1.50
C THR A 191 -52.13 6.10 -1.72
N ILE A 192 -51.21 6.39 -2.64
CA ILE A 192 -50.93 7.80 -2.97
C ILE A 192 -52.16 8.42 -3.61
N PRO A 193 -52.60 9.60 -3.15
CA PRO A 193 -53.83 10.19 -3.70
C PRO A 193 -53.68 10.60 -5.15
N GLY A 194 -54.45 9.95 -6.02
CA GLY A 194 -54.38 10.23 -7.44
C GLY A 194 -55.42 9.43 -8.18
N PHE A 195 -55.28 9.39 -9.50
CA PHE A 195 -56.18 8.68 -10.37
C PHE A 195 -55.39 7.75 -11.28
N ASP A 196 -56.05 6.67 -11.71
CA ASP A 196 -55.46 5.70 -12.62
C ASP A 196 -56.00 5.96 -14.02
N GLY A 197 -55.11 6.22 -14.96
CA GLY A 197 -55.50 6.51 -16.33
C GLY A 197 -54.46 7.39 -16.99
N VAL A 198 -54.88 8.05 -18.06
CA VAL A 198 -54.01 8.93 -18.83
C VAL A 198 -54.71 10.27 -19.02
N VAL A 199 -53.91 11.32 -19.20
CA VAL A 199 -54.44 12.66 -19.40
C VAL A 199 -54.64 12.90 -20.89
N LYS A 200 -55.78 13.52 -21.23
CA LYS A 200 -56.09 13.83 -22.63
C LYS A 200 -55.69 15.26 -22.99
N ASP A 201 -56.09 16.22 -22.18
CA ASP A 201 -55.78 17.63 -22.42
C ASP A 201 -55.78 18.35 -21.09
N ALA A 202 -55.78 19.69 -21.15
CA ALA A 202 -55.84 20.48 -19.92
C ALA A 202 -57.14 20.27 -19.18
N GLU A 203 -58.22 19.92 -19.91
CA GLU A 203 -59.49 19.64 -19.25
C GLU A 203 -59.39 18.45 -18.32
N GLU A 204 -58.69 17.39 -18.75
CA GLU A 204 -58.50 16.23 -17.88
C GLU A 204 -57.69 16.61 -16.65
N ALA A 205 -56.64 17.42 -16.82
CA ALA A 205 -55.83 17.83 -15.68
C ALA A 205 -56.64 18.66 -14.68
N VAL A 206 -57.44 19.61 -15.18
CA VAL A 206 -58.21 20.43 -14.25
C VAL A 206 -59.33 19.62 -13.59
N ARG A 207 -59.91 18.65 -14.31
CA ARG A 207 -60.93 17.81 -13.68
C ARG A 207 -60.32 16.89 -12.63
N ILE A 208 -59.09 16.42 -12.84
CA ILE A 208 -58.41 15.64 -11.81
C ILE A 208 -58.10 16.52 -10.61
N ALA A 209 -57.66 17.76 -10.85
CA ALA A 209 -57.39 18.68 -9.76
C ALA A 209 -58.65 18.96 -8.95
N ARG A 210 -59.78 19.18 -9.62
CA ARG A 210 -61.04 19.37 -8.93
C ARG A 210 -61.61 18.09 -8.36
N GLU A 211 -61.07 16.93 -8.73
CA GLU A 211 -61.58 15.66 -8.24
C GLU A 211 -61.03 15.34 -6.85
N ILE A 212 -59.71 15.29 -6.71
CA ILE A 212 -59.06 14.90 -5.46
C ILE A 212 -58.01 15.95 -5.10
N GLY A 213 -58.32 16.81 -4.14
CA GLY A 213 -57.36 17.72 -3.56
C GLY A 213 -57.02 18.92 -4.42
N TYR A 214 -56.86 20.08 -3.78
CA TYR A 214 -56.41 21.29 -4.44
C TYR A 214 -54.88 21.31 -4.57
N PRO A 215 -54.11 21.03 -3.49
CA PRO A 215 -52.64 20.97 -3.65
C PRO A 215 -52.17 19.69 -4.33
N VAL A 216 -52.11 19.70 -5.66
CA VAL A 216 -51.72 18.53 -6.44
C VAL A 216 -50.60 18.93 -7.40
N MET A 217 -49.62 18.04 -7.58
CA MET A 217 -48.63 18.28 -8.62
C MET A 217 -49.24 18.19 -10.01
N ILE A 218 -48.42 18.51 -11.00
CA ILE A 218 -48.67 18.17 -12.40
C ILE A 218 -47.41 17.48 -12.92
N LYS A 219 -46.67 16.87 -12.00
CA LYS A 219 -45.42 16.20 -12.34
C LYS A 219 -45.66 15.09 -13.36
N ALA A 220 -44.75 14.99 -14.33
CA ALA A 220 -44.81 13.94 -15.35
C ALA A 220 -44.48 12.61 -14.71
N SER A 221 -45.52 11.84 -14.39
CA SER A 221 -45.36 10.52 -13.79
C SER A 221 -45.49 9.46 -14.88
N ALA A 222 -45.54 8.19 -14.45
CA ALA A 222 -45.61 7.04 -15.35
C ALA A 222 -44.41 7.02 -16.30
N GLY A 223 -44.53 6.27 -17.39
CA GLY A 223 -43.43 6.16 -18.33
C GLY A 223 -42.22 5.55 -17.65
N GLY A 224 -41.13 6.29 -17.60
CA GLY A 224 -39.92 5.84 -16.94
C GLY A 224 -39.45 6.80 -15.86
N GLY A 225 -39.46 6.35 -14.60
CA GLY A 225 -39.01 7.19 -13.51
C GLY A 225 -40.11 8.00 -12.86
N GLY A 226 -40.74 8.87 -13.64
CA GLY A 226 -41.81 9.71 -13.11
C GLY A 226 -41.31 10.77 -12.16
N LYS A 227 -40.54 11.73 -12.67
CA LYS A 227 -39.96 12.79 -11.86
C LYS A 227 -40.16 14.13 -12.56
N GLY A 228 -39.92 15.21 -11.81
CA GLY A 228 -40.05 16.55 -12.35
C GLY A 228 -40.60 17.54 -11.34
N MET A 229 -39.98 18.71 -11.26
CA MET A 229 -40.43 19.75 -10.34
C MET A 229 -41.60 20.47 -11.00
N ARG A 230 -42.81 20.18 -10.53
CA ARG A 230 -44.03 20.73 -11.10
C ARG A 230 -45.09 20.84 -10.02
N ILE A 231 -45.88 21.91 -10.07
CA ILE A 231 -46.97 22.14 -9.12
C ILE A 231 -48.20 22.56 -9.92
N ALA A 232 -49.36 22.03 -9.53
CA ALA A 232 -50.64 22.32 -10.16
C ALA A 232 -51.65 22.79 -9.12
N TRP A 233 -51.24 23.75 -8.28
CA TRP A 233 -52.09 24.20 -7.19
C TRP A 233 -53.33 24.94 -7.71
N ASP A 234 -53.16 25.85 -8.66
CA ASP A 234 -54.23 26.68 -9.16
C ASP A 234 -54.68 26.24 -10.55
N ASP A 235 -55.86 26.70 -10.95
CA ASP A 235 -56.45 26.26 -12.21
C ASP A 235 -55.58 26.66 -13.40
N GLU A 236 -55.22 27.95 -13.50
CA GLU A 236 -54.26 28.36 -14.52
C GLU A 236 -52.92 27.69 -14.29
N GLU A 237 -52.54 27.48 -13.02
CA GLU A 237 -51.34 26.72 -12.72
C GLU A 237 -51.47 25.29 -13.21
N THR A 238 -52.64 24.66 -13.02
CA THR A 238 -52.83 23.32 -13.56
C THR A 238 -52.64 23.32 -15.07
N ARG A 239 -53.23 24.29 -15.77
CA ARG A 239 -53.17 24.30 -17.23
C ARG A 239 -51.73 24.49 -17.72
N ASP A 240 -51.04 25.53 -17.23
CA ASP A 240 -49.70 25.79 -17.76
C ASP A 240 -48.70 24.75 -17.30
N GLY A 241 -48.85 24.24 -16.07
CA GLY A 241 -48.01 23.13 -15.64
C GLY A 241 -48.25 21.87 -16.44
N PHE A 242 -49.50 21.61 -16.85
CA PHE A 242 -49.77 20.47 -17.72
C PHE A 242 -49.10 20.65 -19.07
N ARG A 243 -49.16 21.86 -19.62
CA ARG A 243 -48.48 22.12 -20.89
C ARG A 243 -46.98 21.87 -20.76
N LEU A 244 -46.36 22.44 -19.72
CA LEU A 244 -44.93 22.29 -19.52
C LEU A 244 -44.55 20.83 -19.25
N SER A 245 -45.38 20.11 -18.49
CA SER A 245 -45.08 18.72 -18.18
C SER A 245 -45.22 17.84 -19.41
N SER A 246 -46.22 18.12 -20.26
CA SER A 246 -46.33 17.39 -21.52
C SER A 246 -45.12 17.66 -22.41
N GLN A 247 -44.67 18.91 -22.46
CA GLN A 247 -43.46 19.22 -23.23
C GLN A 247 -42.25 18.47 -22.69
N GLU A 248 -42.09 18.44 -21.37
CA GLU A 248 -40.95 17.75 -20.77
C GLU A 248 -41.03 16.25 -21.02
N ALA A 249 -42.23 15.66 -20.90
CA ALA A 249 -42.39 14.24 -21.16
C ALA A 249 -42.07 13.89 -22.60
N ALA A 250 -42.51 14.74 -23.53
CA ALA A 250 -42.15 14.54 -24.93
C ALA A 250 -40.64 14.64 -25.12
N SER A 251 -40.00 15.59 -24.45
CA SER A 251 -38.55 15.70 -24.52
C SER A 251 -37.86 14.52 -23.84
N SER A 252 -38.38 14.10 -22.69
CA SER A 252 -37.72 13.06 -21.91
C SER A 252 -38.08 11.66 -22.40
N PHE A 253 -39.37 11.31 -22.36
CA PHE A 253 -39.82 9.96 -22.68
C PHE A 253 -40.79 9.89 -23.85
N GLY A 254 -41.51 10.96 -24.17
CA GLY A 254 -42.47 10.94 -25.25
C GLY A 254 -43.82 10.38 -24.90
N ASP A 255 -44.07 10.02 -23.63
CA ASP A 255 -45.36 9.48 -23.24
C ASP A 255 -46.46 10.52 -23.41
N ASP A 256 -46.20 11.75 -23.00
CA ASP A 256 -47.16 12.85 -23.07
C ASP A 256 -48.44 12.56 -22.27
N ARG A 257 -48.38 11.61 -21.35
CA ARG A 257 -49.52 11.26 -20.51
C ARG A 257 -49.05 11.17 -19.06
N LEU A 258 -49.96 11.47 -18.14
CA LEU A 258 -49.61 11.66 -16.74
C LEU A 258 -50.57 10.91 -15.83
N LEU A 259 -50.05 10.43 -14.71
CA LEU A 259 -50.84 9.91 -13.60
C LEU A 259 -50.75 10.94 -12.48
N ILE A 260 -51.67 11.89 -12.49
CA ILE A 260 -51.58 13.05 -11.60
C ILE A 260 -51.76 12.61 -10.15
N GLU A 261 -50.89 13.09 -9.27
CA GLU A 261 -50.91 12.73 -7.86
C GLU A 261 -50.83 13.97 -6.99
N LYS A 262 -51.51 13.90 -5.84
CA LYS A 262 -51.67 15.05 -4.95
C LYS A 262 -50.33 15.48 -4.34
N PHE A 263 -50.25 16.76 -3.97
CA PHE A 263 -49.02 17.31 -3.42
C PHE A 263 -48.93 17.09 -1.92
N ILE A 264 -47.72 16.83 -1.46
CA ILE A 264 -47.43 16.60 -0.04
C ILE A 264 -46.31 17.57 0.33
N ASP A 265 -46.60 18.50 1.23
CA ASP A 265 -45.57 19.42 1.70
C ASP A 265 -44.65 18.74 2.70
N ASN A 266 -43.35 19.08 2.62
CA ASN A 266 -42.22 18.61 3.44
C ASN A 266 -42.47 17.21 3.97
N PRO A 267 -42.58 16.21 3.10
CA PRO A 267 -42.97 14.88 3.55
C PRO A 267 -41.90 14.24 4.43
N ARG A 268 -42.36 13.38 5.34
CA ARG A 268 -41.50 12.59 6.21
C ARG A 268 -41.53 11.14 5.74
N HIS A 269 -40.35 10.55 5.57
CA HIS A 269 -40.23 9.19 5.05
C HIS A 269 -40.14 8.23 6.23
N ILE A 270 -41.24 7.53 6.49
CA ILE A 270 -41.27 6.52 7.55
C ILE A 270 -41.24 5.15 6.88
N GLU A 271 -40.84 4.14 7.64
CA GLU A 271 -40.83 2.77 7.11
C GLU A 271 -41.17 1.78 8.22
N ILE A 272 -41.81 0.69 7.83
CA ILE A 272 -42.23 -0.36 8.74
C ILE A 272 -41.51 -1.64 8.35
N GLN A 273 -40.91 -2.30 9.34
CA GLN A 273 -40.28 -3.59 9.14
C GLN A 273 -41.30 -4.69 9.36
N VAL A 274 -41.39 -5.63 8.42
CA VAL A 274 -42.36 -6.72 8.48
C VAL A 274 -41.62 -8.04 8.36
N LEU A 275 -42.10 -9.04 9.10
CA LEU A 275 -41.53 -10.37 9.09
C LEU A 275 -42.63 -11.39 8.89
N GLY A 276 -42.38 -12.39 8.05
CA GLY A 276 -43.37 -13.40 7.74
C GLY A 276 -42.73 -14.75 7.49
N ASP A 277 -43.58 -15.77 7.42
CA ASP A 277 -43.14 -17.14 7.20
C ASP A 277 -44.07 -17.80 6.19
N LYS A 278 -43.93 -19.10 6.03
CA LYS A 278 -44.73 -19.87 5.08
C LYS A 278 -46.07 -20.32 5.66
N HIS A 279 -46.34 -20.02 6.93
CA HIS A 279 -47.58 -20.41 7.57
C HIS A 279 -48.57 -19.25 7.69
N GLY A 280 -48.36 -18.18 6.93
CA GLY A 280 -49.27 -17.04 6.96
C GLY A 280 -49.29 -16.28 8.25
N ASN A 281 -48.13 -16.05 8.85
CA ASN A 281 -48.01 -15.24 10.07
C ASN A 281 -47.19 -14.00 9.74
N ALA A 282 -47.69 -12.84 10.14
CA ALA A 282 -47.05 -11.57 9.84
C ALA A 282 -46.89 -10.75 11.11
N LEU A 283 -45.72 -10.15 11.25
CA LEU A 283 -45.42 -9.28 12.39
C LEU A 283 -44.82 -7.97 11.87
N TRP A 284 -45.14 -6.88 12.56
CA TRP A 284 -44.57 -5.57 12.25
C TRP A 284 -43.68 -5.15 13.41
N LEU A 285 -42.40 -4.91 13.12
CA LEU A 285 -41.41 -4.63 14.15
C LEU A 285 -41.15 -3.13 14.24
N ASN A 286 -42.10 -2.43 14.84
CA ASN A 286 -41.99 -0.99 15.10
C ASN A 286 -41.79 -0.27 13.76
N GLU A 287 -41.12 0.88 13.78
CA GLU A 287 -40.92 1.69 12.59
C GLU A 287 -39.50 2.25 12.59
N ARG A 288 -39.18 2.96 11.51
CA ARG A 288 -37.93 3.69 11.37
C ARG A 288 -38.19 4.97 10.61
N GLU A 289 -37.35 5.97 10.85
CA GLU A 289 -37.40 7.24 10.15
C GLU A 289 -36.08 7.46 9.40
N CYS A 290 -36.18 7.81 8.13
CA CYS A 290 -35.02 8.04 7.27
C CYS A 290 -35.20 9.34 6.49
N SER A 291 -35.61 10.40 7.19
CA SER A 291 -35.90 11.67 6.52
C SER A 291 -34.63 12.34 5.99
N ILE A 292 -33.55 12.30 6.77
CA ILE A 292 -32.32 12.98 6.40
C ILE A 292 -31.68 12.23 5.23
N GLN A 293 -31.76 12.79 4.04
CA GLN A 293 -31.20 12.17 2.84
C GLN A 293 -30.56 13.23 1.98
N ARG A 294 -29.53 12.84 1.23
CA ARG A 294 -28.99 13.64 0.15
C ARG A 294 -28.75 12.74 -1.04
N ARG A 295 -29.00 13.28 -2.24
CA ARG A 295 -28.90 12.50 -3.48
C ARG A 295 -29.78 11.26 -3.43
N ASN A 296 -30.93 11.37 -2.75
CA ASN A 296 -31.86 10.26 -2.57
C ASN A 296 -31.19 9.06 -1.91
N GLN A 297 -30.31 9.34 -0.94
CA GLN A 297 -29.65 8.30 -0.17
C GLN A 297 -29.67 8.67 1.31
N LYS A 298 -30.08 7.73 2.14
CA LYS A 298 -30.17 7.97 3.58
C LYS A 298 -28.79 7.99 4.21
N VAL A 299 -28.58 8.90 5.16
CA VAL A 299 -27.32 9.02 5.88
C VAL A 299 -27.50 8.81 7.38
N VAL A 300 -28.55 9.38 7.96
CA VAL A 300 -28.84 9.24 9.38
C VAL A 300 -30.23 8.63 9.54
N GLU A 301 -30.30 7.54 10.30
CA GLU A 301 -31.55 6.83 10.54
C GLU A 301 -31.84 6.83 12.03
N GLU A 302 -33.12 6.92 12.36
CA GLU A 302 -33.59 7.01 13.74
C GLU A 302 -34.74 6.03 13.90
N ALA A 303 -34.56 5.02 14.77
CA ALA A 303 -35.49 3.89 14.76
C ALA A 303 -36.88 4.30 15.24
N PRO A 304 -37.09 4.69 16.50
CA PRO A 304 -38.45 5.08 16.90
C PRO A 304 -38.75 6.48 16.37
N SER A 305 -39.96 6.67 15.86
CA SER A 305 -40.34 7.93 15.23
C SER A 305 -40.89 8.87 16.30
N ILE A 306 -40.24 10.03 16.44
CA ILE A 306 -40.72 11.04 17.38
C ILE A 306 -41.94 11.78 16.86
N PHE A 307 -42.23 11.67 15.57
CA PHE A 307 -43.36 12.37 14.96
C PHE A 307 -44.67 11.60 15.09
N LEU A 308 -44.62 10.32 15.43
CA LEU A 308 -45.81 9.47 15.45
C LEU A 308 -46.23 9.16 16.88
N ASP A 309 -47.47 8.69 17.00
CA ASP A 309 -48.05 8.24 18.26
C ASP A 309 -48.46 6.78 18.14
N ALA A 310 -49.06 6.25 19.21
CA ALA A 310 -49.40 4.83 19.25
C ALA A 310 -50.45 4.48 18.20
N GLU A 311 -51.47 5.33 18.03
CA GLU A 311 -52.57 4.99 17.14
C GLU A 311 -52.12 4.95 15.68
N THR A 312 -51.37 5.96 15.25
CA THR A 312 -50.89 5.97 13.87
C THR A 312 -49.92 4.83 13.62
N ARG A 313 -49.06 4.53 14.60
CA ARG A 313 -48.15 3.40 14.46
C ARG A 313 -48.90 2.08 14.30
N ARG A 314 -49.94 1.88 15.13
CA ARG A 314 -50.72 0.66 15.01
C ARG A 314 -51.45 0.58 13.67
N ALA A 315 -51.99 1.71 13.20
CA ALA A 315 -52.67 1.72 11.92
C ALA A 315 -51.71 1.36 10.78
N MET A 316 -50.52 1.95 10.78
CA MET A 316 -49.54 1.64 9.75
C MET A 316 -49.10 0.19 9.81
N GLY A 317 -48.89 -0.33 11.03
CA GLY A 317 -48.52 -1.72 11.17
C GLY A 317 -49.60 -2.66 10.66
N GLU A 318 -50.86 -2.37 10.97
CA GLU A 318 -51.96 -3.20 10.50
C GLU A 318 -52.05 -3.16 8.98
N GLN A 319 -51.90 -1.97 8.38
CA GLN A 319 -51.95 -1.88 6.93
C GLN A 319 -50.81 -2.66 6.28
N ALA A 320 -49.60 -2.55 6.84
CA ALA A 320 -48.46 -3.29 6.29
C ALA A 320 -48.66 -4.79 6.42
N VAL A 321 -49.19 -5.24 7.56
CA VAL A 321 -49.43 -6.67 7.76
C VAL A 321 -50.48 -7.17 6.77
N ALA A 322 -51.54 -6.41 6.56
CA ALA A 322 -52.56 -6.80 5.60
C ALA A 322 -51.98 -6.89 4.19
N LEU A 323 -51.15 -5.91 3.81
CA LEU A 323 -50.51 -5.96 2.50
C LEU A 323 -49.62 -7.19 2.36
N ALA A 324 -48.84 -7.50 3.40
CA ALA A 324 -47.96 -8.66 3.34
C ALA A 324 -48.76 -9.95 3.22
N ARG A 325 -49.87 -10.05 3.96
CA ARG A 325 -50.72 -11.23 3.85
C ARG A 325 -51.34 -11.34 2.47
N ALA A 326 -51.70 -10.21 1.87
CA ALA A 326 -52.22 -10.23 0.51
C ALA A 326 -51.18 -10.72 -0.48
N VAL A 327 -49.93 -10.29 -0.31
CA VAL A 327 -48.85 -10.71 -1.20
C VAL A 327 -48.26 -12.06 -0.80
N LYS A 328 -48.58 -12.54 0.41
CA LYS A 328 -48.05 -13.80 0.94
C LYS A 328 -46.52 -13.74 1.08
N TYR A 329 -46.05 -12.65 1.68
CA TYR A 329 -44.63 -12.51 1.99
C TYR A 329 -44.23 -13.52 3.07
N SER A 330 -43.03 -14.07 2.94
CA SER A 330 -42.56 -15.10 3.86
C SER A 330 -41.11 -14.87 4.25
N SER A 331 -40.74 -13.61 4.45
CA SER A 331 -39.38 -13.26 4.85
C SER A 331 -39.40 -11.88 5.48
N ALA A 332 -38.23 -11.27 5.63
CA ALA A 332 -38.11 -9.91 6.13
C ALA A 332 -38.28 -8.93 4.98
N GLY A 333 -39.03 -7.86 5.23
CA GLY A 333 -39.25 -6.84 4.23
C GLY A 333 -39.54 -5.50 4.89
N THR A 334 -39.63 -4.47 4.05
CA THR A 334 -39.89 -3.12 4.51
C THR A 334 -40.96 -2.47 3.65
N VAL A 335 -41.88 -1.76 4.30
CA VAL A 335 -42.94 -1.02 3.62
C VAL A 335 -42.75 0.45 3.96
N GLU A 336 -42.58 1.28 2.93
CA GLU A 336 -42.22 2.68 3.11
C GLU A 336 -43.43 3.57 2.89
N PHE A 337 -43.63 4.53 3.79
CA PHE A 337 -44.75 5.45 3.75
C PHE A 337 -44.24 6.88 3.76
N LEU A 338 -45.01 7.76 3.12
CA LEU A 338 -44.79 9.21 3.19
C LEU A 338 -45.88 9.81 4.05
N VAL A 339 -45.48 10.59 5.06
CA VAL A 339 -46.39 11.20 6.00
C VAL A 339 -46.30 12.72 5.86
N ASP A 340 -47.45 13.37 5.68
CA ASP A 340 -47.49 14.81 5.53
C ASP A 340 -47.52 15.47 6.92
N SER A 341 -47.77 16.78 6.96
CA SER A 341 -47.86 17.48 8.23
C SER A 341 -49.13 17.12 8.98
N LYS A 342 -50.19 16.73 8.27
CA LYS A 342 -51.47 16.40 8.87
C LYS A 342 -51.55 14.95 9.36
N LYS A 343 -50.39 14.30 9.52
CA LYS A 343 -50.33 12.92 10.02
C LYS A 343 -51.14 11.97 9.14
N ASN A 344 -51.07 12.17 7.82
CA ASN A 344 -51.69 11.28 6.85
C ASN A 344 -50.59 10.54 6.09
N PHE A 345 -50.66 9.22 6.09
CA PHE A 345 -49.63 8.38 5.50
C PHE A 345 -50.11 7.77 4.21
N TYR A 346 -49.23 7.77 3.20
CA TYR A 346 -49.51 7.18 1.90
C TYR A 346 -48.40 6.19 1.54
N PHE A 347 -48.81 5.04 1.00
CA PHE A 347 -47.86 3.98 0.69
C PHE A 347 -46.95 4.39 -0.46
N LEU A 348 -45.69 3.93 -0.41
CA LEU A 348 -44.72 4.20 -1.46
C LEU A 348 -43.67 3.09 -1.43
N GLU A 349 -43.77 2.16 -2.38
CA GLU A 349 -42.78 1.11 -2.62
C GLU A 349 -42.67 0.11 -1.47
N MET A 350 -42.18 -1.09 -1.77
CA MET A 350 -41.93 -2.11 -0.76
C MET A 350 -40.64 -2.83 -1.13
N ASN A 351 -39.69 -2.87 -0.21
CA ASN A 351 -38.39 -3.50 -0.45
C ASN A 351 -38.48 -4.97 -0.06
N THR A 352 -38.27 -5.85 -1.02
CA THR A 352 -38.32 -7.29 -0.79
C THR A 352 -36.93 -7.86 -0.53
N ARG A 353 -36.27 -7.30 0.49
CA ARG A 353 -34.94 -7.74 0.87
C ARG A 353 -34.62 -7.13 2.24
N LEU A 354 -33.51 -7.59 2.81
CA LEU A 354 -33.06 -7.05 4.09
C LEU A 354 -32.67 -5.59 3.93
N GLN A 355 -33.15 -4.74 4.84
CA GLN A 355 -32.87 -3.33 4.78
C GLN A 355 -31.47 -3.03 5.29
N VAL A 356 -30.87 -1.97 4.74
CA VAL A 356 -29.52 -1.58 5.13
C VAL A 356 -29.49 -1.12 6.58
N GLU A 357 -30.53 -0.44 7.03
CA GLU A 357 -30.60 0.11 8.38
C GLU A 357 -31.41 -0.78 9.33
N HIS A 358 -31.31 -2.09 9.15
CA HIS A 358 -31.99 -3.03 10.03
C HIS A 358 -31.42 -3.11 11.45
N PRO A 359 -30.12 -2.89 11.68
CA PRO A 359 -29.64 -2.96 13.08
C PRO A 359 -30.28 -1.93 14.00
N VAL A 360 -30.67 -0.76 13.50
CA VAL A 360 -31.19 0.28 14.37
C VAL A 360 -32.54 -0.15 14.96
N THR A 361 -33.34 -0.88 14.19
CA THR A 361 -34.56 -1.47 14.74
C THR A 361 -34.30 -2.78 15.46
N GLU A 362 -33.12 -3.37 15.28
CA GLU A 362 -32.75 -4.56 16.04
C GLU A 362 -32.36 -4.20 17.46
N CYS A 363 -31.76 -3.03 17.66
CA CYS A 363 -31.31 -2.64 19.00
C CYS A 363 -32.49 -2.46 19.96
N ILE A 364 -33.57 -1.82 19.49
CA ILE A 364 -34.69 -1.50 20.36
C ILE A 364 -35.66 -2.66 20.54
N THR A 365 -35.39 -3.82 19.95
CA THR A 365 -36.26 -4.98 20.10
C THR A 365 -35.53 -6.26 20.48
N GLY A 366 -34.22 -6.34 20.31
CA GLY A 366 -33.49 -7.53 20.71
C GLY A 366 -33.77 -8.76 19.89
N LEU A 367 -34.19 -8.61 18.64
CA LEU A 367 -34.49 -9.73 17.77
C LEU A 367 -33.45 -9.80 16.65
N ASP A 368 -32.71 -10.90 16.59
CA ASP A 368 -31.71 -11.09 15.55
C ASP A 368 -32.42 -11.37 14.23
N LEU A 369 -32.40 -10.38 13.33
CA LEU A 369 -33.16 -10.49 12.09
C LEU A 369 -32.62 -11.59 11.19
N VAL A 370 -31.29 -11.73 11.10
CA VAL A 370 -30.70 -12.77 10.27
C VAL A 370 -31.06 -14.15 10.82
N GLN A 371 -31.04 -14.30 12.14
CA GLN A 371 -31.46 -15.56 12.75
C GLN A 371 -32.90 -15.88 12.42
N GLU A 372 -33.78 -14.88 12.49
CA GLU A 372 -35.18 -15.10 12.14
C GLU A 372 -35.34 -15.48 10.68
N MET A 373 -34.59 -14.83 9.79
CA MET A 373 -34.66 -15.17 8.37
C MET A 373 -34.23 -16.61 8.13
N ILE A 374 -33.13 -17.02 8.77
CA ILE A 374 -32.64 -18.39 8.57
C ILE A 374 -33.65 -19.40 9.11
N ARG A 375 -34.21 -19.13 10.30
CA ARG A 375 -35.18 -20.05 10.88
C ARG A 375 -36.42 -20.15 10.02
N VAL A 376 -36.90 -19.02 9.48
CA VAL A 376 -38.07 -19.04 8.61
C VAL A 376 -37.77 -19.81 7.34
N ALA A 377 -36.61 -19.56 6.72
CA ALA A 377 -36.26 -20.27 5.50
C ALA A 377 -36.12 -21.77 5.74
N LYS A 378 -35.74 -22.16 6.96
CA LYS A 378 -35.73 -23.58 7.30
C LYS A 378 -37.13 -24.18 7.23
N GLY A 379 -38.13 -23.44 7.72
CA GLY A 379 -39.50 -23.89 7.66
C GLY A 379 -40.23 -23.72 8.99
N TYR A 380 -39.48 -23.38 10.03
CA TYR A 380 -40.08 -23.23 11.35
C TYR A 380 -40.99 -22.01 11.40
N PRO A 381 -42.06 -22.06 12.20
CA PRO A 381 -42.90 -20.88 12.38
C PRO A 381 -42.25 -19.90 13.35
N LEU A 382 -42.82 -18.69 13.38
CA LEU A 382 -42.33 -17.65 14.28
C LEU A 382 -42.55 -18.07 15.73
N ARG A 383 -41.58 -17.74 16.59
CA ARG A 383 -41.64 -18.07 18.00
C ARG A 383 -42.12 -16.92 18.87
N HIS A 384 -42.59 -15.84 18.27
CA HIS A 384 -43.09 -14.68 19.00
C HIS A 384 -44.49 -14.33 18.53
N LYS A 385 -45.12 -13.42 19.25
CA LYS A 385 -46.44 -12.90 18.91
C LYS A 385 -46.39 -11.38 18.85
N GLN A 386 -47.51 -10.79 18.44
CA GLN A 386 -47.56 -9.34 18.28
C GLN A 386 -47.35 -8.63 19.61
N ALA A 387 -47.97 -9.12 20.68
CA ALA A 387 -47.85 -8.48 21.98
C ALA A 387 -46.45 -8.59 22.56
N ASP A 388 -45.65 -9.55 22.09
CA ASP A 388 -44.31 -9.73 22.63
C ASP A 388 -43.33 -8.65 22.19
N ILE A 389 -43.68 -7.84 21.19
CA ILE A 389 -42.78 -6.82 20.69
C ILE A 389 -42.89 -5.59 21.58
N ARG A 390 -41.76 -5.08 22.04
CA ARG A 390 -41.70 -3.92 22.92
C ARG A 390 -40.65 -2.94 22.41
N ILE A 391 -40.90 -1.65 22.65
CA ILE A 391 -39.97 -0.59 22.25
C ILE A 391 -39.05 -0.36 23.45
N ASN A 392 -37.91 -1.05 23.44
CA ASN A 392 -36.99 -1.03 24.58
C ASN A 392 -35.85 -0.03 24.32
N GLY A 393 -36.17 1.24 24.52
CA GLY A 393 -35.17 2.28 24.43
C GLY A 393 -35.22 3.10 23.16
N TRP A 394 -34.08 3.67 22.77
CA TRP A 394 -34.03 4.57 21.63
C TRP A 394 -32.74 4.23 20.88
N ALA A 395 -32.72 4.47 19.57
CA ALA A 395 -31.54 4.11 18.79
C ALA A 395 -31.32 5.08 17.64
N VAL A 396 -30.06 5.38 17.35
CA VAL A 396 -29.66 6.28 16.27
C VAL A 396 -28.52 5.65 15.50
N GLU A 397 -28.61 5.67 14.17
CA GLU A 397 -27.60 5.07 13.31
C GLU A 397 -27.10 6.09 12.29
N CYS A 398 -25.79 6.09 12.06
CA CYS A 398 -25.15 6.93 11.07
C CYS A 398 -24.29 6.09 10.15
N ARG A 399 -24.14 6.55 8.92
CA ARG A 399 -23.34 5.86 7.91
C ARG A 399 -22.10 6.70 7.62
N VAL A 400 -20.93 6.11 7.83
CA VAL A 400 -19.66 6.76 7.53
C VAL A 400 -19.23 6.29 6.14
N TYR A 401 -19.23 7.22 5.19
CA TYR A 401 -18.82 6.98 3.81
C TYR A 401 -17.41 7.52 3.59
N ALA A 402 -16.82 7.12 2.47
CA ALA A 402 -15.53 7.65 2.04
C ALA A 402 -15.77 8.71 0.97
N GLU A 403 -16.19 9.88 1.42
CA GLU A 403 -16.52 10.97 0.50
C GLU A 403 -16.26 12.31 1.18
N ASP A 404 -16.10 13.34 0.35
CA ASP A 404 -15.82 14.68 0.84
C ASP A 404 -17.11 15.48 0.91
N PRO A 405 -17.58 15.88 2.10
CA PRO A 405 -18.88 16.56 2.21
C PRO A 405 -18.87 18.01 1.77
N TYR A 406 -17.74 18.54 1.31
CA TYR A 406 -17.65 19.93 0.88
C TYR A 406 -17.96 20.12 -0.60
N LYS A 407 -18.33 19.05 -1.31
CA LYS A 407 -18.60 19.14 -2.74
C LYS A 407 -19.87 18.32 -3.02
N SER A 408 -20.98 19.03 -3.22
CA SER A 408 -22.27 18.40 -3.55
C SER A 408 -22.69 17.38 -2.49
N PHE A 409 -22.42 17.70 -1.22
CA PHE A 409 -22.77 16.85 -0.09
C PHE A 409 -22.14 15.47 -0.20
N GLY A 410 -20.99 15.37 -0.85
CA GLY A 410 -20.29 14.11 -0.95
C GLY A 410 -19.93 13.71 -2.37
N LEU A 411 -18.64 13.49 -2.61
CA LEU A 411 -18.14 13.00 -3.88
C LEU A 411 -17.22 11.81 -3.64
N PRO A 412 -17.26 10.80 -4.49
CA PRO A 412 -16.49 9.58 -4.23
C PRO A 412 -14.99 9.85 -4.16
N SER A 413 -14.32 9.12 -3.27
CA SER A 413 -12.89 9.25 -3.06
C SER A 413 -12.26 7.87 -2.99
N ILE A 414 -10.97 7.81 -3.30
CA ILE A 414 -10.23 6.57 -3.26
C ILE A 414 -9.02 6.74 -2.34
N GLY A 415 -8.40 5.61 -2.00
CA GLY A 415 -7.24 5.61 -1.15
C GLY A 415 -7.14 4.33 -0.36
N ARG A 416 -6.04 4.21 0.37
CA ARG A 416 -5.76 3.05 1.21
C ARG A 416 -5.63 3.51 2.65
N LEU A 417 -6.39 2.88 3.54
CA LEU A 417 -6.40 3.31 4.94
C LEU A 417 -5.09 2.95 5.62
N SER A 418 -4.50 3.94 6.28
CA SER A 418 -3.27 3.72 7.05
C SER A 418 -3.54 3.56 8.54
N GLN A 419 -4.54 4.25 9.08
CA GLN A 419 -4.92 4.10 10.49
C GLN A 419 -6.43 3.96 10.57
N TYR A 420 -6.89 2.95 11.31
CA TYR A 420 -8.31 2.70 11.49
C TYR A 420 -8.55 2.24 12.91
N GLN A 421 -9.34 3.00 13.66
CA GLN A 421 -9.68 2.66 15.04
C GLN A 421 -11.13 3.03 15.30
N GLU A 422 -11.90 2.08 15.89
CA GLU A 422 -13.28 2.21 16.28
C GLU A 422 -13.40 2.49 17.77
N PRO A 423 -14.43 3.22 18.20
CA PRO A 423 -14.60 3.51 19.64
C PRO A 423 -15.41 2.43 20.34
N LEU A 424 -14.94 1.18 20.25
CA LEU A 424 -15.66 0.06 20.83
C LEU A 424 -15.68 0.09 22.35
N HIS A 425 -14.78 0.85 22.97
CA HIS A 425 -14.74 0.93 24.42
C HIS A 425 -15.73 1.94 25.01
N LEU A 426 -16.35 2.77 24.18
CA LEU A 426 -17.36 3.69 24.67
C LEU A 426 -18.64 2.93 25.01
N PRO A 427 -19.44 3.44 25.94
CA PRO A 427 -20.68 2.74 26.31
C PRO A 427 -21.77 2.90 25.27
N GLY A 428 -22.46 1.80 24.98
CA GLY A 428 -23.58 1.83 24.07
C GLY A 428 -23.22 2.20 22.64
N VAL A 429 -22.13 1.64 22.12
CA VAL A 429 -21.67 1.93 20.78
C VAL A 429 -21.44 0.61 20.05
N ARG A 430 -22.03 0.48 18.87
CA ARG A 430 -21.88 -0.71 18.04
C ARG A 430 -21.41 -0.28 16.66
N VAL A 431 -20.40 -0.97 16.13
CA VAL A 431 -19.82 -0.63 14.84
C VAL A 431 -19.95 -1.84 13.93
N ASP A 432 -20.51 -1.62 12.74
CA ASP A 432 -20.58 -2.65 11.70
C ASP A 432 -19.74 -2.16 10.52
N SER A 433 -18.61 -2.82 10.29
CA SER A 433 -17.70 -2.41 9.22
C SER A 433 -17.02 -3.63 8.63
N GLY A 434 -16.81 -3.58 7.32
CA GLY A 434 -16.05 -4.61 6.64
C GLY A 434 -14.66 -4.13 6.31
N ILE A 435 -14.19 -3.13 7.03
CA ILE A 435 -12.91 -2.48 6.78
C ILE A 435 -11.97 -2.73 7.94
N GLN A 436 -10.71 -3.01 7.63
CA GLN A 436 -9.63 -3.22 8.58
C GLN A 436 -8.47 -2.33 8.17
N PRO A 437 -7.54 -2.06 9.08
CA PRO A 437 -6.38 -1.23 8.71
C PRO A 437 -5.63 -1.83 7.52
N GLY A 438 -5.25 -0.96 6.59
CA GLY A 438 -4.61 -1.38 5.37
C GLY A 438 -5.55 -1.69 4.23
N SER A 439 -6.87 -1.60 4.44
CA SER A 439 -7.82 -1.86 3.37
C SER A 439 -7.77 -0.75 2.34
N ASP A 440 -8.21 -1.09 1.12
CA ASP A 440 -8.20 -0.18 -0.01
C ASP A 440 -9.63 0.16 -0.40
N ILE A 441 -9.91 1.46 -0.55
CA ILE A 441 -11.21 1.93 -1.00
C ILE A 441 -11.13 2.07 -2.52
N SER A 442 -11.62 1.05 -3.23
CA SER A 442 -11.53 1.02 -4.68
C SER A 442 -12.65 1.88 -5.29
N ILE A 443 -12.82 1.78 -6.60
CA ILE A 443 -13.82 2.56 -7.31
C ILE A 443 -15.00 1.71 -7.76
N TYR A 444 -14.80 0.40 -7.99
CA TYR A 444 -15.84 -0.45 -8.54
C TYR A 444 -17.01 -0.68 -7.59
N TYR A 445 -16.88 -0.35 -6.31
CA TYR A 445 -17.90 -0.66 -5.32
C TYR A 445 -18.32 0.59 -4.58
N ASP A 446 -19.30 0.44 -3.70
CA ASP A 446 -19.79 1.56 -2.90
C ASP A 446 -18.68 2.03 -1.96
N PRO A 447 -18.47 3.33 -1.82
CA PRO A 447 -17.38 3.81 -0.96
C PRO A 447 -17.75 3.81 0.53
N MET A 448 -18.81 3.09 0.89
CA MET A 448 -19.25 3.08 2.28
C MET A 448 -18.19 2.44 3.17
N ILE A 449 -17.91 3.06 4.31
CA ILE A 449 -16.86 2.60 5.19
C ILE A 449 -17.46 1.81 6.35
N SER A 450 -18.40 2.41 7.08
CA SER A 450 -18.86 1.79 8.31
C SER A 450 -20.25 2.28 8.67
N LYS A 451 -20.87 1.58 9.62
CA LYS A 451 -22.14 1.97 10.21
C LYS A 451 -21.98 2.05 11.72
N LEU A 452 -22.38 3.18 12.30
CA LEU A 452 -22.26 3.43 13.73
C LEU A 452 -23.65 3.50 14.35
N ILE A 453 -23.89 2.69 15.37
CA ILE A 453 -25.19 2.61 16.02
C ILE A 453 -25.00 2.92 17.50
N THR A 454 -25.86 3.79 18.03
CA THR A 454 -25.86 4.10 19.46
C THR A 454 -27.26 3.93 20.00
N TYR A 455 -27.38 3.19 21.10
CA TYR A 455 -28.66 2.91 21.74
C TYR A 455 -28.63 3.48 23.15
N GLY A 456 -29.74 4.11 23.54
CA GLY A 456 -29.82 4.75 24.84
C GLY A 456 -31.21 4.61 25.42
N SER A 457 -31.39 5.21 26.60
CA SER A 457 -32.71 5.18 27.23
C SER A 457 -33.68 6.15 26.57
N ASP A 458 -33.17 7.22 25.98
CA ASP A 458 -34.01 8.21 25.32
C ASP A 458 -33.21 8.89 24.22
N ARG A 459 -33.84 9.87 23.56
CA ARG A 459 -33.23 10.51 22.40
C ARG A 459 -31.97 11.27 22.78
N THR A 460 -32.01 12.03 23.88
CA THR A 460 -30.89 12.90 24.23
C THR A 460 -29.64 12.09 24.57
N GLU A 461 -29.80 11.02 25.35
CA GLU A 461 -28.66 10.18 25.69
C GLU A 461 -28.06 9.53 24.45
N ALA A 462 -28.93 9.05 23.54
CA ALA A 462 -28.44 8.43 22.32
C ALA A 462 -27.68 9.43 21.46
N LEU A 463 -28.19 10.66 21.35
CA LEU A 463 -27.50 11.68 20.57
C LEU A 463 -26.15 12.04 21.20
N LYS A 464 -26.10 12.15 22.52
CA LYS A 464 -24.84 12.46 23.19
C LYS A 464 -23.83 11.33 22.97
N ARG A 465 -24.27 10.07 23.08
CA ARG A 465 -23.38 8.94 22.84
C ARG A 465 -22.92 8.91 21.39
N MET A 466 -23.79 9.26 20.46
CA MET A 466 -23.40 9.32 19.05
C MET A 466 -22.33 10.38 18.83
N ALA A 467 -22.50 11.56 19.44
CA ALA A 467 -21.48 12.59 19.30
C ALA A 467 -20.15 12.14 19.89
N ASP A 468 -20.20 11.51 21.07
CA ASP A 468 -18.96 11.04 21.69
C ASP A 468 -18.27 9.99 20.84
N ALA A 469 -19.05 9.06 20.27
CA ALA A 469 -18.47 8.04 19.40
C ALA A 469 -17.86 8.67 18.15
N LEU A 470 -18.54 9.66 17.56
CA LEU A 470 -18.01 10.33 16.38
C LEU A 470 -16.71 11.05 16.71
N ASP A 471 -16.57 11.57 17.93
CA ASP A 471 -15.34 12.28 18.28
C ASP A 471 -14.17 11.34 18.56
N ASN A 472 -14.44 10.05 18.80
CA ASN A 472 -13.40 9.10 19.19
C ASN A 472 -13.18 8.03 18.12
N TYR A 473 -13.32 8.38 16.85
CA TYR A 473 -13.30 7.41 15.77
C TYR A 473 -12.25 7.83 14.76
N VAL A 474 -11.22 7.01 14.60
CA VAL A 474 -10.00 7.39 13.90
C VAL A 474 -9.99 6.76 12.51
N ILE A 475 -9.94 7.61 11.49
CA ILE A 475 -9.77 7.20 10.09
C ILE A 475 -8.70 8.08 9.47
N ARG A 476 -7.52 7.52 9.22
CA ARG A 476 -6.44 8.23 8.55
C ARG A 476 -6.07 7.47 7.29
N GLY A 477 -6.06 8.17 6.16
CA GLY A 477 -5.73 7.58 4.88
C GLY A 477 -6.66 8.04 3.77
N VAL A 478 -7.93 8.27 4.10
CA VAL A 478 -8.92 8.73 3.15
C VAL A 478 -9.68 9.89 3.77
N THR A 479 -10.66 10.41 3.03
CA THR A 479 -11.51 11.50 3.48
C THR A 479 -12.92 10.98 3.72
N HIS A 480 -13.48 11.32 4.87
CA HIS A 480 -14.80 10.86 5.28
C HIS A 480 -15.72 12.07 5.45
N ASN A 481 -16.93 11.81 5.95
CA ASN A 481 -17.96 12.81 6.11
C ASN A 481 -18.44 12.89 7.56
N ILE A 482 -17.52 12.67 8.51
CA ILE A 482 -17.90 12.68 9.92
C ILE A 482 -18.33 14.08 10.35
N ALA A 483 -17.74 15.13 9.78
CA ALA A 483 -18.12 16.48 10.13
C ALA A 483 -19.58 16.74 9.82
N LEU A 484 -20.05 16.30 8.65
CA LEU A 484 -21.45 16.48 8.29
C LEU A 484 -22.38 15.76 9.25
N LEU A 485 -22.02 14.52 9.62
CA LEU A 485 -22.86 13.77 10.55
C LEU A 485 -22.94 14.47 11.89
N ARG A 486 -21.79 14.93 12.41
CA ARG A 486 -21.80 15.60 13.71
C ARG A 486 -22.59 16.89 13.66
N GLU A 487 -22.48 17.64 12.56
CA GLU A 487 -23.26 18.87 12.44
C GLU A 487 -24.75 18.55 12.38
N VAL A 488 -25.12 17.46 11.72
CA VAL A 488 -26.53 17.10 11.63
C VAL A 488 -27.08 16.71 13.00
N ILE A 489 -26.33 15.90 13.76
CA ILE A 489 -26.86 15.39 15.03
C ILE A 489 -26.85 16.43 16.15
N ILE A 490 -26.39 17.64 15.90
CA ILE A 490 -26.40 18.71 16.90
C ILE A 490 -27.19 19.92 16.44
N ASN A 491 -27.84 19.84 15.28
CA ASN A 491 -28.64 20.96 14.79
C ASN A 491 -29.85 21.16 15.68
N SER A 492 -30.26 22.43 15.82
CA SER A 492 -31.40 22.76 16.68
C SER A 492 -32.68 22.12 16.17
N ARG A 493 -32.92 22.19 14.85
CA ARG A 493 -34.14 21.60 14.29
C ARG A 493 -34.17 20.10 14.49
N PHE A 494 -33.04 19.42 14.26
CA PHE A 494 -32.99 17.98 14.45
C PHE A 494 -33.22 17.60 15.91
N VAL A 495 -32.65 18.39 16.83
CA VAL A 495 -32.87 18.13 18.25
C VAL A 495 -34.34 18.32 18.62
N LYS A 496 -34.96 19.38 18.12
CA LYS A 496 -36.36 19.64 18.42
C LYS A 496 -37.25 18.55 17.83
N GLY A 497 -37.00 18.14 16.60
CA GLY A 497 -37.79 17.10 15.98
C GLY A 497 -38.60 17.56 14.78
N ASP A 498 -38.09 18.57 14.07
CA ASP A 498 -38.75 19.11 12.88
C ASP A 498 -37.83 18.91 11.69
N ILE A 499 -37.93 17.76 11.04
CA ILE A 499 -37.09 17.40 9.91
C ILE A 499 -37.95 16.90 8.78
N SER A 500 -37.39 16.95 7.57
CA SER A 500 -38.08 16.51 6.37
C SER A 500 -37.02 16.08 5.35
N THR A 501 -37.50 15.62 4.18
CA THR A 501 -36.58 15.18 3.14
C THR A 501 -35.77 16.33 2.54
N LYS A 502 -36.18 17.58 2.79
CA LYS A 502 -35.48 18.75 2.30
C LYS A 502 -34.61 19.39 3.37
N PHE A 503 -34.29 18.66 4.43
CA PHE A 503 -33.53 19.23 5.54
C PHE A 503 -32.14 19.68 5.08
N LEU A 504 -31.41 18.81 4.41
CA LEU A 504 -30.08 19.18 3.94
C LEU A 504 -30.14 20.26 2.87
N SER A 505 -31.25 20.34 2.13
CA SER A 505 -31.37 21.35 1.08
C SER A 505 -31.52 22.74 1.66
N ASP A 506 -32.40 22.91 2.66
CA ASP A 506 -32.69 24.24 3.16
C ASP A 506 -31.78 24.66 4.32
N VAL A 507 -31.25 23.71 5.08
CA VAL A 507 -30.34 24.07 6.16
C VAL A 507 -29.03 24.62 5.59
N TYR A 508 -28.56 24.06 4.48
CA TYR A 508 -27.36 24.54 3.80
C TYR A 508 -27.70 24.85 2.35
N PRO A 509 -28.41 25.96 2.09
CA PRO A 509 -28.73 26.31 0.70
C PRO A 509 -27.51 26.51 -0.17
N ASP A 510 -26.46 27.12 0.36
CA ASP A 510 -25.21 27.29 -0.39
C ASP A 510 -24.41 26.00 -0.44
N GLY A 511 -24.50 25.17 0.58
CA GLY A 511 -23.71 23.96 0.71
C GLY A 511 -23.03 23.90 2.06
N PHE A 512 -22.36 22.78 2.28
CA PHE A 512 -21.66 22.57 3.55
C PHE A 512 -20.41 23.44 3.60
N LYS A 513 -20.33 24.30 4.62
CA LYS A 513 -19.18 25.18 4.80
C LYS A 513 -18.35 24.81 6.03
N GLY A 514 -18.82 23.90 6.86
CA GLY A 514 -18.11 23.52 8.07
C GLY A 514 -18.90 23.91 9.31
N HIS A 515 -18.28 23.64 10.46
CA HIS A 515 -18.88 23.94 11.75
C HIS A 515 -18.51 25.35 12.16
N MET A 516 -19.47 26.26 12.13
CA MET A 516 -19.24 27.61 12.61
C MET A 516 -19.01 27.59 14.11
N LEU A 517 -18.01 28.35 14.57
CA LEU A 517 -17.56 28.30 15.94
C LEU A 517 -17.81 29.64 16.63
N THR A 518 -18.22 29.59 17.88
CA THR A 518 -18.56 30.77 18.66
C THR A 518 -17.30 31.33 19.33
N LYS A 519 -17.48 32.29 20.25
CA LYS A 519 -16.35 32.88 20.92
C LYS A 519 -15.70 31.91 21.91
N SER A 520 -16.52 31.24 22.73
CA SER A 520 -15.98 30.32 23.72
C SER A 520 -15.28 29.15 23.07
N GLU A 521 -15.89 28.57 22.03
CA GLU A 521 -15.26 27.46 21.33
C GLU A 521 -13.95 27.89 20.68
N LYS A 522 -13.92 29.09 20.09
CA LYS A 522 -12.69 29.58 19.48
C LYS A 522 -11.61 29.78 20.53
N ASN A 523 -11.96 30.31 21.69
CA ASN A 523 -10.98 30.47 22.77
C ASN A 523 -10.46 29.12 23.22
N GLN A 524 -11.34 28.14 23.37
CA GLN A 524 -10.90 26.80 23.78
C GLN A 524 -9.96 26.20 22.75
N LEU A 525 -10.27 26.36 21.46
CA LEU A 525 -9.41 25.84 20.41
C LEU A 525 -8.03 26.49 20.45
N LEU A 526 -7.99 27.82 20.60
CA LEU A 526 -6.72 28.52 20.64
C LEU A 526 -5.90 28.09 21.86
N ALA A 527 -6.56 27.95 23.01
CA ALA A 527 -5.85 27.51 24.21
C ALA A 527 -5.28 26.11 24.05
N ILE A 528 -6.08 25.20 23.48
CA ILE A 528 -5.61 23.83 23.28
C ILE A 528 -4.42 23.79 22.33
N ALA A 529 -4.51 24.54 21.22
CA ALA A 529 -3.41 24.55 20.26
C ALA A 529 -2.13 25.11 20.89
N SER A 530 -2.26 26.21 21.63
CA SER A 530 -1.08 26.79 22.26
C SER A 530 -0.47 25.84 23.29
N SER A 531 -1.34 25.19 24.08
CA SER A 531 -0.84 24.24 25.07
C SER A 531 -0.11 23.08 24.41
N LEU A 532 -0.65 22.56 23.32
CA LEU A 532 -0.01 21.44 22.63
C LEU A 532 1.32 21.86 22.04
N PHE A 533 1.40 23.06 21.46
CA PHE A 533 2.66 23.55 20.93
C PHE A 533 3.72 23.68 22.02
N VAL A 534 3.33 24.25 23.16
CA VAL A 534 4.29 24.41 24.26
C VAL A 534 4.71 23.05 24.81
N ALA A 535 3.79 22.09 24.86
CA ALA A 535 4.13 20.75 25.33
C ALA A 535 5.13 20.08 24.40
N PHE A 536 4.94 20.22 23.09
CA PHE A 536 5.90 19.68 22.14
C PHE A 536 7.28 20.32 22.32
N GLN A 537 7.30 21.65 22.49
CA GLN A 537 8.57 22.33 22.69
C GLN A 537 9.27 21.85 23.96
N LEU A 538 8.50 21.66 25.04
CA LEU A 538 9.09 21.18 26.29
C LEU A 538 9.62 19.76 26.14
N ARG A 539 8.87 18.89 25.47
CA ARG A 539 9.34 17.52 25.26
C ARG A 539 10.59 17.48 24.41
N ALA A 540 10.78 18.47 23.53
CA ALA A 540 11.97 18.50 22.70
C ALA A 540 13.25 18.73 23.48
N GLN A 541 13.18 19.11 24.75
CA GLN A 541 14.34 19.46 25.53
C GLN A 541 14.83 18.33 26.44
N HIS A 542 14.22 17.15 26.37
CA HIS A 542 14.54 16.06 27.28
C HIS A 542 15.49 15.09 26.58
N PHE A 543 16.79 15.24 26.86
CA PHE A 543 17.80 14.32 26.39
C PHE A 543 18.20 13.37 27.52
N GLN A 544 19.23 12.57 27.30
CA GLN A 544 19.79 11.72 28.33
C GLN A 544 21.08 12.33 28.85
N GLU A 545 21.54 11.82 30.00
CA GLU A 545 22.76 12.34 30.60
C GLU A 545 23.96 12.05 29.71
N ASN A 546 24.81 13.06 29.53
CA ASN A 546 25.98 12.94 28.65
C ASN A 546 27.25 12.61 29.40
N SER A 547 27.43 13.12 30.61
CA SER A 547 28.59 12.93 31.48
C SER A 547 29.86 13.56 30.93
N ARG A 548 29.81 14.20 29.75
CA ARG A 548 30.94 14.93 29.22
C ARG A 548 30.63 16.41 29.09
N MET A 549 29.52 16.76 28.43
CA MET A 549 29.05 18.15 28.35
C MET A 549 27.68 18.23 29.00
N PRO A 550 27.59 18.68 30.26
CA PRO A 550 26.30 18.72 30.94
C PRO A 550 25.31 19.65 30.23
N VAL A 551 24.04 19.26 30.25
CA VAL A 551 22.97 20.00 29.57
C VAL A 551 22.33 20.94 30.57
N ILE A 552 22.21 22.22 30.20
CA ILE A 552 21.60 23.24 31.03
C ILE A 552 20.24 23.55 30.41
N LYS A 553 19.18 23.00 30.99
CA LYS A 553 17.84 23.23 30.46
C LYS A 553 17.44 24.68 30.69
N PRO A 554 16.84 25.34 29.70
CA PRO A 554 16.43 26.73 29.89
C PRO A 554 15.25 26.84 30.84
N ASP A 555 15.13 28.00 31.48
CA ASP A 555 14.13 28.25 32.50
C ASP A 555 13.17 29.35 32.07
N ILE A 556 12.71 29.30 30.83
CA ILE A 556 11.75 30.28 30.34
C ILE A 556 10.44 30.12 31.09
N ALA A 557 9.85 31.25 31.50
CA ALA A 557 8.65 31.25 32.32
C ALA A 557 7.37 31.39 31.50
N ASN A 558 7.32 32.36 30.60
CA ASN A 558 6.12 32.62 29.81
C ASN A 558 6.44 32.47 28.33
N TRP A 559 5.51 31.87 27.59
CA TRP A 559 5.61 31.75 26.14
C TRP A 559 4.61 32.71 25.51
N GLU A 560 5.13 33.71 24.79
CA GLU A 560 4.30 34.69 24.11
C GLU A 560 4.22 34.31 22.64
N LEU A 561 3.01 34.00 22.16
CA LEU A 561 2.81 33.42 20.85
C LEU A 561 1.83 34.25 20.05
N SER A 562 2.00 34.22 18.73
CA SER A 562 1.04 34.74 17.78
C SER A 562 0.41 33.57 17.04
N VAL A 563 -0.91 33.49 17.07
CA VAL A 563 -1.66 32.40 16.47
C VAL A 563 -2.52 32.96 15.35
N LYS A 564 -2.32 32.45 14.14
CA LYS A 564 -3.09 32.84 12.97
C LYS A 564 -4.12 31.76 12.69
N LEU A 565 -5.40 32.16 12.66
CA LEU A 565 -6.52 31.26 12.41
C LEU A 565 -7.45 31.91 11.40
N HIS A 566 -7.87 31.14 10.40
CA HIS A 566 -8.66 31.65 9.30
C HIS A 566 -7.96 32.82 8.62
N ASP A 567 -8.32 34.05 9.00
CA ASP A 567 -7.67 35.24 8.47
C ASP A 567 -7.44 36.28 9.56
N LYS A 568 -7.23 35.82 10.79
CA LYS A 568 -7.07 36.71 11.94
C LYS A 568 -5.87 36.25 12.77
N VAL A 569 -5.30 37.20 13.51
CA VAL A 569 -4.12 36.96 14.33
C VAL A 569 -4.46 37.31 15.77
N HIS A 570 -4.15 36.39 16.69
CA HIS A 570 -4.39 36.57 18.10
C HIS A 570 -3.08 36.45 18.87
N THR A 571 -3.01 37.12 20.01
CA THR A 571 -1.85 37.05 20.90
C THR A 571 -2.19 36.18 22.10
N VAL A 572 -1.34 35.20 22.38
CA VAL A 572 -1.58 34.22 23.43
C VAL A 572 -0.38 34.22 24.38
N VAL A 573 -0.66 34.06 25.66
CA VAL A 573 0.38 33.93 26.67
C VAL A 573 0.17 32.60 27.39
N ALA A 574 1.21 31.76 27.41
CA ALA A 574 1.12 30.42 27.95
C ALA A 574 2.11 30.25 29.09
N SER A 575 1.65 29.64 30.19
CA SER A 575 2.50 29.32 31.32
C SER A 575 2.26 27.88 31.71
N ASN A 576 3.33 27.20 32.16
CA ASN A 576 3.26 25.80 32.53
C ASN A 576 3.65 25.63 34.00
N ASN A 577 2.89 24.80 34.70
CA ASN A 577 3.12 24.51 36.11
C ASN A 577 3.04 23.01 36.36
N GLY A 578 3.71 22.24 35.52
CA GLY A 578 3.66 20.79 35.62
C GLY A 578 2.81 20.16 34.54
N SER A 579 1.63 19.67 34.92
CA SER A 579 0.69 19.09 33.98
C SER A 579 -0.51 19.98 33.72
N VAL A 580 -0.46 21.24 34.16
CA VAL A 580 -1.56 22.18 33.97
C VAL A 580 -1.00 23.44 33.33
N PHE A 581 -1.64 23.88 32.25
CA PHE A 581 -1.24 25.07 31.50
C PHE A 581 -2.24 26.18 31.76
N SER A 582 -1.73 27.37 32.02
CA SER A 582 -2.55 28.58 32.13
C SER A 582 -2.36 29.40 30.86
N VAL A 583 -3.46 29.63 30.14
CA VAL A 583 -3.40 30.27 28.83
C VAL A 583 -4.29 31.51 28.85
N GLU A 584 -3.71 32.64 28.45
CA GLU A 584 -4.44 33.89 28.32
C GLU A 584 -4.55 34.24 26.85
N VAL A 585 -5.79 34.36 26.36
CA VAL A 585 -6.09 34.73 24.99
C VAL A 585 -6.90 36.01 25.03
N ASP A 586 -6.31 37.12 24.58
CA ASP A 586 -6.98 38.40 24.49
C ASP A 586 -7.61 38.80 25.83
N GLY A 587 -6.92 38.47 26.93
CA GLY A 587 -7.38 38.76 28.26
C GLY A 587 -8.09 37.60 28.94
N SER A 588 -8.82 36.79 28.18
CA SER A 588 -9.54 35.66 28.78
C SER A 588 -8.56 34.61 29.28
N LYS A 589 -8.82 34.09 30.47
CA LYS A 589 -7.93 33.12 31.12
C LYS A 589 -8.58 31.75 31.13
N LEU A 590 -7.80 30.72 30.77
CA LEU A 590 -8.27 29.36 30.74
C LEU A 590 -7.20 28.43 31.28
N ASN A 591 -7.63 27.27 31.77
CA ASN A 591 -6.74 26.25 32.30
C ASN A 591 -6.92 24.97 31.50
N VAL A 592 -5.81 24.39 31.04
CA VAL A 592 -5.83 23.18 30.24
C VAL A 592 -5.03 22.10 30.97
N THR A 593 -5.66 20.96 31.21
CA THR A 593 -4.99 19.85 31.88
C THR A 593 -5.20 18.57 31.10
N SER A 594 -4.15 17.76 31.02
CA SER A 594 -4.19 16.49 30.30
C SER A 594 -2.93 15.71 30.65
N THR A 595 -2.94 14.42 30.30
CA THR A 595 -1.74 13.61 30.47
C THR A 595 -0.65 13.97 29.46
N TRP A 596 -1.00 14.70 28.41
CA TRP A 596 -0.05 15.17 27.40
C TRP A 596 0.75 14.03 26.79
N ASN A 597 0.06 12.93 26.49
CA ASN A 597 0.67 11.82 25.77
C ASN A 597 0.70 12.17 24.28
N LEU A 598 1.89 12.49 23.78
CA LEU A 598 2.03 13.02 22.43
C LEU A 598 2.09 11.95 21.35
N ALA A 599 2.04 10.67 21.71
CA ALA A 599 2.11 9.60 20.73
C ALA A 599 0.75 9.05 20.34
N SER A 600 -0.24 9.11 21.23
CA SER A 600 -1.55 8.57 20.91
C SER A 600 -2.26 9.48 19.90
N PRO A 601 -3.01 8.90 18.95
CA PRO A 601 -3.75 9.74 17.99
C PRO A 601 -4.80 10.64 18.64
N LEU A 602 -5.44 10.18 19.71
CA LEU A 602 -6.48 10.94 20.39
C LEU A 602 -5.91 11.56 21.66
N LEU A 603 -6.21 12.84 21.88
CA LEU A 603 -5.79 13.55 23.08
C LEU A 603 -7.01 14.08 23.79
N SER A 604 -7.19 13.69 25.05
CA SER A 604 -8.30 14.15 25.87
C SER A 604 -7.80 15.22 26.82
N VAL A 605 -8.40 16.40 26.76
CA VAL A 605 -8.01 17.53 27.58
C VAL A 605 -9.23 18.04 28.34
N SER A 606 -8.97 18.89 29.33
CA SER A 606 -10.02 19.51 30.13
C SER A 606 -9.77 21.01 30.19
N VAL A 607 -10.65 21.78 29.56
CA VAL A 607 -10.56 23.23 29.54
C VAL A 607 -11.65 23.77 30.45
N ASP A 608 -11.24 24.39 31.56
CA ASP A 608 -12.17 24.95 32.54
C ASP A 608 -13.20 23.93 32.99
N GLY A 609 -12.74 22.69 33.19
CA GLY A 609 -13.60 21.60 33.59
C GLY A 609 -14.28 20.88 32.44
N THR A 610 -14.54 21.56 31.33
CA THR A 610 -15.19 20.92 30.19
C THR A 610 -14.23 19.93 29.53
N GLN A 611 -14.71 18.71 29.32
CA GLN A 611 -13.88 17.66 28.73
C GLN A 611 -14.00 17.70 27.22
N ARG A 612 -12.85 17.70 26.54
CA ARG A 612 -12.81 17.75 25.09
C ARG A 612 -11.83 16.70 24.57
N THR A 613 -12.07 16.24 23.35
CA THR A 613 -11.21 15.29 22.67
C THR A 613 -10.78 15.88 21.35
N VAL A 614 -9.47 15.84 21.07
CA VAL A 614 -8.91 16.43 19.86
C VAL A 614 -7.97 15.44 19.21
N GLN A 615 -7.67 15.71 17.94
CA GLN A 615 -6.68 14.95 17.19
C GLN A 615 -5.73 15.92 16.50
N CYS A 616 -4.48 15.49 16.34
CA CYS A 616 -3.45 16.30 15.68
C CYS A 616 -3.05 15.58 14.39
N LEU A 617 -3.66 15.99 13.27
CA LEU A 617 -3.43 15.29 12.02
C LEU A 617 -2.05 15.61 11.45
N SER A 618 -1.64 16.87 11.50
CA SER A 618 -0.38 17.30 10.91
C SER A 618 0.36 18.21 11.88
N ARG A 619 1.68 18.20 11.78
CA ARG A 619 2.52 19.07 12.58
C ARG A 619 3.82 19.31 11.82
N GLU A 620 4.19 20.58 11.65
CA GLU A 620 5.37 20.95 10.90
C GLU A 620 6.23 21.90 11.72
N ALA A 621 7.54 21.88 11.43
CA ALA A 621 8.46 22.77 12.11
C ALA A 621 8.22 24.23 11.77
N GLY A 622 7.55 24.51 10.65
CA GLY A 622 7.26 25.88 10.27
C GLY A 622 6.16 26.55 11.06
N GLY A 623 5.39 25.78 11.83
CA GLY A 623 4.33 26.31 12.66
C GLY A 623 2.94 25.87 12.28
N ASN A 624 2.76 25.35 11.07
CA ASN A 624 1.45 24.90 10.63
C ASN A 624 1.00 23.70 11.44
N MET A 625 -0.28 23.69 11.83
CA MET A 625 -0.84 22.59 12.59
C MET A 625 -2.29 22.37 12.17
N SER A 626 -2.61 21.13 11.83
CA SER A 626 -3.98 20.72 11.51
C SER A 626 -4.53 19.93 12.68
N ILE A 627 -5.61 20.44 13.28
CA ILE A 627 -6.18 19.86 14.48
C ILE A 627 -7.66 19.57 14.24
N GLN A 628 -8.08 18.35 14.55
CA GLN A 628 -9.48 17.97 14.48
C GLN A 628 -10.11 18.20 15.84
N PHE A 629 -11.10 19.10 15.87
CA PHE A 629 -11.78 19.55 17.08
C PHE A 629 -13.26 19.69 16.77
N LEU A 630 -14.10 19.18 17.67
CA LEU A 630 -15.55 19.13 17.48
C LEU A 630 -15.92 18.56 16.11
N GLY A 631 -15.17 17.56 15.65
CA GLY A 631 -15.46 16.89 14.40
C GLY A 631 -15.02 17.63 13.15
N THR A 632 -14.40 18.79 13.28
CA THR A 632 -13.99 19.57 12.12
C THR A 632 -12.49 19.83 12.19
N VAL A 633 -11.85 19.84 11.01
CA VAL A 633 -10.41 20.02 10.92
C VAL A 633 -10.12 21.50 10.71
N TYR A 634 -9.33 22.08 11.60
CA TYR A 634 -8.93 23.48 11.54
C TYR A 634 -7.43 23.57 11.33
N LYS A 635 -7.02 24.54 10.52
CA LYS A 635 -5.61 24.80 10.25
C LYS A 635 -5.19 26.08 10.95
N VAL A 636 -4.15 26.01 11.77
CA VAL A 636 -3.66 27.15 12.53
C VAL A 636 -2.16 27.29 12.29
N ASN A 637 -1.67 28.50 12.53
CA ASN A 637 -0.23 28.78 12.44
C ASN A 637 0.22 29.42 13.74
N ILE A 638 1.08 28.74 14.47
CA ILE A 638 1.56 29.21 15.76
C ILE A 638 3.02 29.62 15.62
N LEU A 639 3.35 30.82 16.06
CA LEU A 639 4.73 31.30 16.02
C LEU A 639 5.03 32.05 17.31
N THR A 640 6.31 32.22 17.59
CA THR A 640 6.70 33.08 18.69
C THR A 640 6.53 34.54 18.28
N ARG A 641 6.58 35.43 19.28
CA ARG A 641 6.40 36.85 18.99
C ARG A 641 7.53 37.37 18.10
N LEU A 642 8.77 36.99 18.40
CA LEU A 642 9.90 37.46 17.58
C LEU A 642 9.80 36.94 16.15
N ALA A 643 9.45 35.67 15.98
CA ALA A 643 9.30 35.12 14.65
C ALA A 643 8.17 35.80 13.89
N ALA A 644 7.06 36.07 14.58
CA ALA A 644 5.94 36.76 13.93
C ALA A 644 6.33 38.16 13.52
N GLU A 645 7.09 38.87 14.36
CA GLU A 645 7.54 40.21 14.01
C GLU A 645 8.49 40.19 12.82
N LEU A 646 9.41 39.21 12.79
CA LEU A 646 10.37 39.15 11.70
C LEU A 646 9.74 38.69 10.39
N ASN A 647 8.66 37.91 10.46
CA ASN A 647 8.03 37.38 9.27
C ASN A 647 7.37 38.46 8.41
N LYS A 648 7.19 39.67 8.93
CA LYS A 648 6.54 40.72 8.16
C LYS A 648 7.37 41.17 6.97
N PHE A 649 8.67 40.90 6.97
CA PHE A 649 9.54 41.31 5.87
C PHE A 649 9.67 40.24 4.78
N MET A 650 9.03 39.08 4.95
CA MET A 650 9.14 38.00 3.98
C MET A 650 8.18 38.28 2.82
N LEU A 651 8.75 38.45 1.63
CA LEU A 651 7.94 38.74 0.45
C LEU A 651 7.13 37.51 0.04
N GLU A 652 5.88 37.74 -0.36
CA GLU A 652 5.05 36.66 -0.87
C GLU A 652 5.52 36.26 -2.27
N LYS A 653 5.41 34.96 -2.56
CA LYS A 653 5.82 34.42 -3.85
C LYS A 653 4.56 34.20 -4.69
N VAL A 654 4.45 34.93 -5.79
CA VAL A 654 3.29 34.85 -6.67
C VAL A 654 3.41 33.61 -7.55
N THR A 655 2.31 32.88 -7.69
CA THR A 655 2.26 31.72 -8.55
C THR A 655 2.01 32.13 -10.00
N GLU A 656 2.21 31.19 -10.92
CA GLU A 656 2.05 31.44 -12.34
C GLU A 656 1.62 30.15 -13.02
N ASP A 657 1.50 30.21 -14.35
CA ASP A 657 1.13 29.07 -15.18
C ASP A 657 -0.24 28.52 -14.81
N THR A 658 -0.57 27.34 -15.32
CA THR A 658 -1.85 26.70 -15.08
C THR A 658 -1.64 25.39 -14.33
N SER A 659 -2.69 24.96 -13.62
CA SER A 659 -2.62 23.72 -12.85
C SER A 659 -2.55 22.49 -13.75
N SER A 660 -2.90 22.62 -15.03
CA SER A 660 -2.84 21.50 -15.96
C SER A 660 -1.39 21.19 -16.31
N VAL A 661 -0.75 20.34 -15.50
CA VAL A 661 0.66 20.00 -15.65
C VAL A 661 0.86 18.54 -16.01
N LEU A 662 -0.19 17.73 -16.00
CA LEU A 662 -0.06 16.30 -16.24
C LEU A 662 0.59 16.02 -17.58
N ARG A 663 1.60 15.15 -17.56
CA ARG A 663 2.35 14.79 -18.75
C ARG A 663 3.07 13.47 -18.48
N SER A 664 3.76 12.98 -19.50
CA SER A 664 4.48 11.72 -19.37
C SER A 664 5.73 11.91 -18.52
N PRO A 665 5.86 11.24 -17.38
CA PRO A 665 7.10 11.36 -16.61
C PRO A 665 8.33 10.88 -17.36
N MET A 666 8.19 9.82 -18.16
CA MET A 666 9.26 9.34 -19.02
C MET A 666 8.64 8.81 -20.30
N PRO A 667 9.40 8.81 -21.41
CA PRO A 667 8.87 8.25 -22.65
C PRO A 667 8.53 6.77 -22.49
N GLY A 668 7.44 6.35 -23.13
CA GLY A 668 7.01 4.98 -23.02
C GLY A 668 5.76 4.74 -23.85
N VAL A 669 5.22 3.54 -23.71
CA VAL A 669 4.04 3.10 -24.46
C VAL A 669 2.87 2.98 -23.50
N VAL A 670 1.67 3.21 -24.02
CA VAL A 670 0.44 3.09 -23.25
C VAL A 670 -0.21 1.74 -23.59
N VAL A 671 -0.32 0.87 -22.59
CA VAL A 671 -0.90 -0.45 -22.83
C VAL A 671 -2.40 -0.34 -23.10
N ALA A 672 -3.10 0.49 -22.33
CA ALA A 672 -4.55 0.61 -22.48
C ALA A 672 -5.00 1.89 -21.81
N VAL A 673 -5.66 2.76 -22.56
CA VAL A 673 -6.23 4.00 -22.03
C VAL A 673 -7.70 3.75 -21.71
N SER A 674 -8.18 4.33 -20.62
CA SER A 674 -9.52 4.08 -20.13
C SER A 674 -10.20 5.39 -19.72
N VAL A 675 -10.07 6.41 -20.56
CA VAL A 675 -10.71 7.69 -20.33
C VAL A 675 -11.38 8.16 -21.61
N LYS A 676 -12.31 9.11 -21.46
CA LYS A 676 -13.06 9.68 -22.56
C LYS A 676 -13.39 11.11 -22.18
N PRO A 677 -13.31 12.07 -23.13
CA PRO A 677 -13.67 13.45 -22.82
C PRO A 677 -15.06 13.58 -22.21
N GLY A 678 -15.13 14.10 -20.98
CA GLY A 678 -16.36 14.22 -20.26
C GLY A 678 -16.60 13.14 -19.21
N ASP A 679 -15.70 12.18 -19.07
CA ASP A 679 -15.87 11.14 -18.08
C ASP A 679 -15.70 11.68 -16.67
N ALA A 680 -16.44 11.10 -15.73
CA ALA A 680 -16.34 11.51 -14.33
C ALA A 680 -14.97 11.15 -13.76
N VAL A 681 -14.43 12.04 -12.94
CA VAL A 681 -13.12 11.86 -12.33
C VAL A 681 -13.29 11.92 -10.82
N ALA A 682 -12.78 10.91 -10.12
CA ALA A 682 -12.86 10.87 -8.67
C ALA A 682 -11.70 11.65 -8.07
N GLU A 683 -11.61 11.63 -6.74
CA GLU A 683 -10.57 12.36 -6.01
C GLU A 683 -9.24 11.63 -6.18
N GLY A 684 -8.44 12.06 -7.14
CA GLY A 684 -7.15 11.44 -7.40
C GLY A 684 -7.24 10.01 -7.89
N GLN A 685 -8.23 9.71 -8.72
CA GLN A 685 -8.38 8.37 -9.26
C GLN A 685 -7.33 8.11 -10.35
N GLU A 686 -6.99 6.84 -10.52
CA GLU A 686 -6.02 6.44 -11.54
C GLU A 686 -6.54 6.76 -12.93
N ILE A 687 -5.89 7.69 -13.63
CA ILE A 687 -6.41 8.13 -14.92
C ILE A 687 -5.86 7.30 -16.07
N CYS A 688 -4.59 6.89 -16.02
CA CYS A 688 -4.09 6.00 -17.07
C CYS A 688 -2.82 5.30 -16.61
N VAL A 689 -2.37 4.36 -17.45
CA VAL A 689 -1.23 3.50 -17.13
C VAL A 689 -0.26 3.54 -18.31
N ILE A 690 1.01 3.81 -18.02
CA ILE A 690 2.09 3.72 -18.99
C ILE A 690 3.12 2.76 -18.44
N GLU A 691 3.41 1.70 -19.19
CA GLU A 691 4.32 0.66 -18.73
C GLU A 691 5.72 0.88 -19.30
N ALA A 692 6.69 0.25 -18.66
CA ALA A 692 8.09 0.35 -19.06
C ALA A 692 8.75 -0.98 -18.72
N MET A 693 10.09 -0.98 -18.68
CA MET A 693 10.82 -2.19 -18.31
C MET A 693 10.41 -2.66 -16.91
N LYS A 694 10.26 -3.97 -16.78
CA LYS A 694 9.86 -4.59 -15.51
C LYS A 694 8.57 -4.00 -14.98
N MET A 695 8.67 -3.02 -14.09
CA MET A 695 7.50 -2.42 -13.46
C MET A 695 6.71 -1.62 -14.48
N GLN A 696 5.43 -1.40 -14.17
CA GLN A 696 4.59 -0.52 -14.95
C GLN A 696 4.11 0.63 -14.08
N ASN A 697 3.97 1.80 -14.70
CA ASN A 697 3.56 3.01 -13.99
C ASN A 697 2.08 3.26 -14.21
N SER A 698 1.40 3.68 -13.14
CA SER A 698 -0.02 4.02 -13.19
C SER A 698 -0.17 5.43 -12.65
N MET A 699 -0.35 6.40 -13.54
CA MET A 699 -0.41 7.80 -13.12
C MET A 699 -1.87 8.24 -13.05
N THR A 700 -2.22 8.91 -11.95
CA THR A 700 -3.58 9.22 -11.58
C THR A 700 -3.98 10.62 -12.05
N ALA A 701 -5.11 11.11 -11.54
CA ALA A 701 -5.63 12.42 -11.88
C ALA A 701 -5.84 13.24 -10.61
N GLY A 702 -4.81 13.31 -9.77
CA GLY A 702 -4.86 13.99 -8.49
C GLY A 702 -5.64 15.29 -8.42
N LYS A 703 -5.50 16.13 -9.44
CA LYS A 703 -6.26 17.35 -9.53
C LYS A 703 -7.64 17.05 -10.11
N THR A 704 -8.69 17.49 -9.43
CA THR A 704 -10.04 17.20 -9.86
C THR A 704 -10.41 18.09 -11.05
N GLY A 705 -10.94 17.49 -12.10
CA GLY A 705 -11.34 18.23 -13.28
C GLY A 705 -12.01 17.36 -14.33
N THR A 706 -13.03 17.90 -14.99
CA THR A 706 -13.73 17.18 -16.03
C THR A 706 -12.82 17.00 -17.25
N VAL A 707 -12.84 15.80 -17.82
CA VAL A 707 -12.01 15.51 -18.98
C VAL A 707 -12.54 16.28 -20.19
N LYS A 708 -11.65 16.97 -20.89
CA LYS A 708 -12.01 17.77 -22.06
C LYS A 708 -11.45 17.23 -23.36
N SER A 709 -10.17 16.86 -23.39
CA SER A 709 -9.55 16.34 -24.59
C SER A 709 -8.39 15.44 -24.20
N VAL A 710 -8.34 14.24 -24.78
CA VAL A 710 -7.28 13.28 -24.51
C VAL A 710 -6.35 13.28 -25.72
N HIS A 711 -5.28 14.07 -25.65
CA HIS A 711 -4.32 14.12 -26.75
C HIS A 711 -3.62 12.78 -26.93
N CYS A 712 -3.26 12.12 -25.83
CA CYS A 712 -2.57 10.85 -25.91
C CYS A 712 -3.54 9.73 -26.33
N GLN A 713 -2.98 8.68 -26.92
CA GLN A 713 -3.75 7.52 -27.33
C GLN A 713 -3.01 6.27 -26.92
N ALA A 714 -3.75 5.17 -26.80
CA ALA A 714 -3.16 3.90 -26.38
C ALA A 714 -2.18 3.40 -27.44
N GLY A 715 -1.02 2.93 -26.98
CA GLY A 715 -0.01 2.40 -27.86
C GLY A 715 0.96 3.42 -28.42
N ASP A 716 0.73 4.71 -28.19
CA ASP A 716 1.62 5.73 -28.70
C ASP A 716 2.90 5.81 -27.87
N THR A 717 4.02 6.03 -28.55
CA THR A 717 5.31 6.16 -27.87
C THR A 717 5.61 7.64 -27.59
N VAL A 718 4.73 8.24 -26.79
CA VAL A 718 4.87 9.65 -26.45
C VAL A 718 6.06 9.85 -25.53
N GLY A 719 6.81 10.94 -25.77
CA GLY A 719 7.98 11.24 -24.98
C GLY A 719 7.63 11.99 -23.71
N GLU A 720 8.68 12.31 -22.95
CA GLU A 720 8.51 13.03 -21.70
C GLU A 720 8.02 14.46 -21.97
N GLY A 721 7.07 14.91 -21.15
CA GLY A 721 6.52 16.23 -21.27
C GLY A 721 5.36 16.37 -22.23
N ASP A 722 5.02 15.32 -22.96
CA ASP A 722 3.90 15.39 -23.90
C ASP A 722 2.58 15.51 -23.15
N LEU A 723 1.69 16.35 -23.66
CA LEU A 723 0.38 16.52 -23.05
C LEU A 723 -0.46 15.27 -23.26
N LEU A 724 -0.79 14.58 -22.17
CA LEU A 724 -1.55 13.34 -22.25
C LEU A 724 -3.05 13.58 -22.10
N VAL A 725 -3.45 14.13 -20.96
CA VAL A 725 -4.86 14.41 -20.67
C VAL A 725 -4.97 15.84 -20.18
N GLU A 726 -5.90 16.60 -20.75
CA GLU A 726 -6.16 17.96 -20.33
C GLU A 726 -7.26 17.96 -19.28
N LEU A 727 -6.96 18.51 -18.11
CA LEU A 727 -7.90 18.55 -17.00
C LEU A 727 -8.03 19.96 -16.48
N GLU A 728 -9.22 20.29 -15.99
CA GLU A 728 -9.50 21.62 -15.46
C GLU A 728 -9.50 21.61 -13.93
N ASP B 1 5.43 6.49 22.68
CA ASP B 1 5.26 5.50 21.62
C ASP B 1 5.89 4.17 22.02
N PRO B 2 5.05 3.17 22.31
CA PRO B 2 5.57 1.87 22.72
C PRO B 2 6.39 1.22 21.62
N SER B 3 7.41 0.47 22.02
CA SER B 3 8.30 -0.20 21.08
C SER B 3 7.73 -1.52 20.57
N ASP B 4 6.56 -1.94 21.07
CA ASP B 4 5.93 -3.19 20.65
C ASP B 4 4.62 -2.95 19.91
N ARG B 5 4.41 -1.76 19.37
CA ARG B 5 3.18 -1.45 18.66
C ARG B 5 3.13 -2.24 17.35
N LEU B 6 1.98 -2.86 17.09
CA LEU B 6 1.78 -3.60 15.85
C LEU B 6 1.44 -2.66 14.71
N VAL B 7 1.78 -3.07 13.50
CA VAL B 7 1.51 -2.28 12.30
C VAL B 7 0.81 -3.16 11.27
N PRO B 8 -0.47 -3.46 11.47
CA PRO B 8 -1.17 -4.36 10.53
C PRO B 8 -1.28 -3.82 9.11
N GLU B 9 -1.16 -2.50 8.92
CA GLU B 9 -1.31 -1.93 7.59
C GLU B 9 -0.23 -2.41 6.62
N LEU B 10 0.85 -2.99 7.14
CA LEU B 10 1.91 -3.53 6.31
C LEU B 10 1.65 -4.95 5.84
N ASP B 11 0.54 -5.56 6.27
CA ASP B 11 0.29 -6.96 5.94
C ASP B 11 0.04 -7.18 4.45
N THR B 12 -0.44 -6.15 3.75
CA THR B 12 -0.81 -6.33 2.34
C THR B 12 -0.37 -5.14 1.49
N ILE B 13 0.66 -4.41 1.92
CA ILE B 13 1.12 -3.27 1.15
C ILE B 13 1.86 -3.69 -0.11
N VAL B 14 2.36 -4.92 -0.16
CA VAL B 14 3.13 -5.41 -1.30
C VAL B 14 2.17 -6.15 -2.23
N PRO B 15 1.97 -5.69 -3.46
CA PRO B 15 1.04 -6.39 -4.36
C PRO B 15 1.55 -7.78 -4.72
N LEU B 16 0.60 -8.69 -4.95
CA LEU B 16 0.96 -10.06 -5.33
C LEU B 16 1.65 -10.10 -6.69
N GLU B 17 1.15 -9.30 -7.64
CA GLU B 17 1.76 -9.27 -8.97
C GLU B 17 3.16 -8.68 -8.91
N SER B 18 4.10 -9.32 -9.59
CA SER B 18 5.48 -8.87 -9.59
C SER B 18 5.74 -7.72 -10.56
N THR B 19 4.67 -7.09 -11.07
CA THR B 19 4.81 -5.96 -11.99
C THR B 19 4.37 -4.64 -11.39
N LYS B 20 3.40 -4.65 -10.48
CA LYS B 20 2.94 -3.41 -9.86
C LYS B 20 3.99 -2.88 -8.89
N ALA B 21 3.85 -1.60 -8.55
CA ALA B 21 4.78 -0.91 -7.67
C ALA B 21 4.04 -0.39 -6.43
N TYR B 22 4.82 0.05 -5.46
CA TYR B 22 4.28 0.59 -4.22
C TYR B 22 5.25 1.63 -3.68
N ASN B 23 4.82 2.31 -2.62
CA ASN B 23 5.58 3.39 -2.01
C ASN B 23 6.27 2.89 -0.75
N MET B 24 7.60 2.96 -0.73
CA MET B 24 8.35 2.56 0.46
C MET B 24 8.29 3.61 1.56
N VAL B 25 7.97 4.86 1.21
CA VAL B 25 7.84 5.90 2.23
C VAL B 25 6.69 5.58 3.18
N ASP B 26 5.65 4.91 2.68
CA ASP B 26 4.55 4.49 3.56
C ASP B 26 5.04 3.48 4.59
N ILE B 27 5.85 2.51 4.16
CA ILE B 27 6.39 1.54 5.11
C ILE B 27 7.29 2.24 6.13
N ILE B 28 8.13 3.16 5.67
CA ILE B 28 9.00 3.89 6.58
C ILE B 28 8.17 4.67 7.59
N HIS B 29 7.10 5.32 7.14
CA HIS B 29 6.24 6.07 8.05
C HIS B 29 5.58 5.16 9.06
N SER B 30 5.13 3.99 8.62
CA SER B 30 4.48 3.05 9.55
C SER B 30 5.45 2.55 10.61
N VAL B 31 6.68 2.25 10.23
CA VAL B 31 7.60 1.58 11.16
C VAL B 31 8.09 2.54 12.24
N VAL B 32 8.48 3.76 11.86
CA VAL B 32 9.20 4.66 12.76
C VAL B 32 8.30 5.19 13.87
N ASP B 33 8.91 5.81 14.87
CA ASP B 33 8.16 6.39 15.98
C ASP B 33 7.45 7.65 15.54
N GLU B 34 6.18 7.76 15.91
CA GLU B 34 5.33 8.92 15.65
C GLU B 34 5.22 9.26 14.16
N ARG B 35 5.64 8.34 13.29
CA ARG B 35 5.52 8.51 11.84
C ARG B 35 6.17 9.81 11.37
N GLU B 36 7.31 10.14 11.96
CA GLU B 36 8.09 11.32 11.58
C GLU B 36 9.36 10.86 10.88
N PHE B 37 9.65 11.49 9.73
CA PHE B 37 10.79 11.09 8.92
C PHE B 37 11.35 12.33 8.24
N PHE B 38 12.59 12.66 8.56
CA PHE B 38 13.26 13.82 7.97
C PHE B 38 14.05 13.34 6.75
N GLU B 39 13.56 13.65 5.56
CA GLU B 39 14.17 13.13 4.34
C GLU B 39 15.26 14.07 3.85
N ILE B 40 16.35 13.47 3.34
CA ILE B 40 17.50 14.22 2.84
C ILE B 40 17.55 14.06 1.33
N MET B 41 17.63 15.19 0.62
CA MET B 41 17.62 15.23 -0.84
C MET B 41 16.39 14.52 -1.37
N PRO B 42 15.19 15.05 -1.15
CA PRO B 42 13.97 14.34 -1.54
C PRO B 42 13.61 14.46 -3.01
N ASN B 43 14.29 15.32 -3.77
CA ASN B 43 13.97 15.51 -5.19
C ASN B 43 15.11 15.13 -6.11
N TYR B 44 16.15 14.47 -5.60
CA TYR B 44 17.29 14.06 -6.40
C TYR B 44 17.49 12.56 -6.24
N ALA B 45 17.61 11.86 -7.37
CA ALA B 45 17.76 10.40 -7.38
C ALA B 45 16.65 9.74 -6.56
N LYS B 46 15.42 9.94 -7.02
CA LYS B 46 14.26 9.53 -6.27
C LYS B 46 14.11 8.02 -6.15
N ASN B 47 14.89 7.24 -6.88
CA ASN B 47 14.81 5.78 -6.76
C ASN B 47 15.45 5.26 -5.48
N ILE B 48 16.07 6.13 -4.69
CA ILE B 48 16.59 5.77 -3.37
C ILE B 48 16.13 6.83 -2.37
N ILE B 49 15.90 6.39 -1.14
CA ILE B 49 15.39 7.25 -0.07
C ILE B 49 16.36 7.19 1.09
N VAL B 50 16.77 8.37 1.58
CA VAL B 50 17.67 8.47 2.72
C VAL B 50 17.13 9.54 3.67
N GLY B 51 17.24 9.27 4.97
CA GLY B 51 16.75 10.23 5.93
C GLY B 51 17.05 9.83 7.35
N PHE B 52 16.56 10.65 8.28
CA PHE B 52 16.72 10.46 9.70
C PHE B 52 15.36 10.19 10.34
N ALA B 53 15.35 9.31 11.34
CA ALA B 53 14.14 9.02 12.10
C ALA B 53 14.55 8.65 13.51
N ARG B 54 13.56 8.29 14.34
CA ARG B 54 13.80 7.88 15.71
C ARG B 54 13.09 6.58 15.98
N MET B 55 13.80 5.63 16.60
CA MET B 55 13.21 4.38 17.05
C MET B 55 13.46 4.23 18.53
N ASN B 56 12.38 4.17 19.31
CA ASN B 56 12.44 4.09 20.77
C ASN B 56 13.33 5.22 21.30
N GLY B 57 13.13 6.40 20.74
CA GLY B 57 13.86 7.58 21.19
C GLY B 57 15.29 7.66 20.72
N ARG B 58 15.78 6.73 19.92
CA ARG B 58 17.15 6.71 19.46
C ARG B 58 17.23 7.11 18.00
N THR B 59 18.14 8.01 17.68
CA THR B 59 18.29 8.48 16.31
C THR B 59 18.82 7.39 15.41
N VAL B 60 18.16 7.18 14.28
CA VAL B 60 18.56 6.16 13.30
C VAL B 60 18.55 6.78 11.91
N GLY B 61 19.41 6.25 11.06
CA GLY B 61 19.45 6.62 9.65
C GLY B 61 18.79 5.54 8.81
N ILE B 62 17.98 5.95 7.85
CA ILE B 62 17.18 5.04 7.04
C ILE B 62 17.56 5.22 5.58
N VAL B 63 17.86 4.12 4.91
CA VAL B 63 18.14 4.08 3.48
C VAL B 63 17.32 2.94 2.87
N GLY B 64 16.68 3.22 1.74
CA GLY B 64 15.81 2.22 1.14
C GLY B 64 15.59 2.46 -0.33
N ASN B 65 15.00 1.45 -0.98
CA ASN B 65 14.69 1.50 -2.40
C ASN B 65 13.27 2.02 -2.61
N GLN B 66 13.07 2.66 -3.77
CA GLN B 66 11.74 3.13 -4.17
C GLN B 66 11.33 2.46 -5.47
N PRO B 67 10.48 1.42 -5.41
CA PRO B 67 10.08 0.74 -6.65
C PRO B 67 9.25 1.61 -7.60
N LYS B 68 8.68 2.72 -7.12
CA LYS B 68 7.89 3.56 -8.01
C LYS B 68 8.72 4.15 -9.13
N VAL B 69 9.93 4.61 -8.82
CA VAL B 69 10.76 5.34 -9.77
C VAL B 69 11.79 4.38 -10.36
N ALA B 70 11.71 4.18 -11.68
CA ALA B 70 12.69 3.38 -12.43
C ALA B 70 12.84 1.98 -11.85
N SER B 71 11.74 1.41 -11.38
CA SER B 71 11.67 0.05 -10.84
C SER B 71 12.57 -0.15 -9.63
N GLY B 72 13.12 0.92 -9.06
CA GLY B 72 14.05 0.79 -7.96
C GLY B 72 15.46 0.44 -8.35
N CYS B 73 15.80 0.49 -9.64
CA CYS B 73 17.14 0.15 -10.09
C CYS B 73 18.15 1.18 -9.63
N LEU B 74 19.38 0.72 -9.38
CA LEU B 74 20.45 1.60 -8.97
C LEU B 74 21.13 2.22 -10.18
N ASP B 75 21.56 3.48 -10.03
CA ASP B 75 22.23 4.21 -11.09
C ASP B 75 23.37 5.01 -10.47
N ILE B 76 23.90 5.95 -11.26
CA ILE B 76 25.08 6.70 -10.82
C ILE B 76 24.74 7.62 -9.66
N ASN B 77 23.65 8.37 -9.78
CA ASN B 77 23.33 9.40 -8.79
C ASN B 77 22.96 8.79 -7.44
N SER B 78 22.08 7.79 -7.46
CA SER B 78 21.61 7.20 -6.21
C SER B 78 22.74 6.52 -5.46
N SER B 79 23.73 5.98 -6.17
CA SER B 79 24.85 5.31 -5.51
C SER B 79 25.60 6.29 -4.61
N VAL B 80 26.00 7.44 -5.14
CA VAL B 80 26.74 8.41 -4.33
C VAL B 80 25.81 9.02 -3.27
N LYS B 81 24.55 9.24 -3.62
CA LYS B 81 23.61 9.80 -2.65
C LYS B 81 23.49 8.92 -1.42
N GLY B 82 23.37 7.61 -1.62
CA GLY B 82 23.31 6.71 -0.48
C GLY B 82 24.66 6.54 0.20
N ALA B 83 25.75 6.53 -0.57
CA ALA B 83 27.07 6.24 -0.02
C ALA B 83 27.51 7.32 0.95
N ARG B 84 27.35 8.60 0.57
CA ARG B 84 27.82 9.65 1.47
C ARG B 84 27.00 9.69 2.76
N PHE B 85 25.69 9.46 2.66
CA PHE B 85 24.85 9.42 3.85
C PHE B 85 25.25 8.28 4.76
N VAL B 86 25.51 7.10 4.20
CA VAL B 86 25.91 5.96 5.02
C VAL B 86 27.24 6.24 5.70
N ARG B 87 28.18 6.85 4.98
CA ARG B 87 29.47 7.17 5.58
C ARG B 87 29.31 8.17 6.72
N PHE B 88 28.48 9.19 6.54
CA PHE B 88 28.26 10.16 7.61
C PHE B 88 27.62 9.50 8.82
N CYS B 89 26.64 8.63 8.61
CA CYS B 89 26.01 7.95 9.73
C CYS B 89 27.00 7.06 10.46
N ASP B 90 27.90 6.40 9.71
CA ASP B 90 28.93 5.60 10.34
C ASP B 90 29.86 6.45 11.19
N ALA B 91 30.23 7.63 10.68
CA ALA B 91 31.26 8.44 11.35
C ALA B 91 30.83 8.93 12.74
N PHE B 92 29.53 8.93 13.04
CA PHE B 92 29.05 9.53 14.28
C PHE B 92 28.19 8.57 15.10
N ASN B 93 28.39 7.26 14.91
CA ASN B 93 27.76 6.23 15.74
C ASN B 93 26.24 6.36 15.71
N ILE B 94 25.67 6.17 14.52
CA ILE B 94 24.22 6.20 14.33
C ILE B 94 23.82 4.90 13.63
N PRO B 95 22.90 4.13 14.20
CA PRO B 95 22.51 2.85 13.57
C PRO B 95 21.84 3.06 12.23
N LEU B 96 21.85 1.99 11.43
CA LEU B 96 21.31 2.02 10.07
C LEU B 96 20.21 0.99 9.91
N ILE B 97 19.15 1.39 9.22
CA ILE B 97 18.04 0.51 8.87
C ILE B 97 17.86 0.56 7.37
N THR B 98 17.83 -0.60 6.72
CA THR B 98 17.78 -0.70 5.27
C THR B 98 16.58 -1.52 4.84
N PHE B 99 15.89 -1.05 3.80
CA PHE B 99 14.78 -1.78 3.18
C PHE B 99 15.17 -2.06 1.74
N VAL B 100 15.20 -3.34 1.37
CA VAL B 100 15.79 -3.77 0.10
C VAL B 100 14.69 -4.27 -0.82
N ASP B 101 14.54 -3.61 -1.97
CA ASP B 101 13.70 -4.11 -3.06
C ASP B 101 14.36 -3.58 -4.34
N VAL B 102 15.22 -4.40 -4.93
CA VAL B 102 16.00 -3.97 -6.09
C VAL B 102 16.08 -5.11 -7.09
N PRO B 103 15.84 -4.85 -8.38
CA PRO B 103 16.00 -5.90 -9.42
C PRO B 103 17.35 -5.91 -10.11
N GLY B 104 18.32 -5.10 -9.65
CA GLY B 104 19.62 -5.06 -10.28
C GLY B 104 20.11 -3.64 -10.54
N PHE B 105 20.81 -3.44 -11.64
CA PHE B 105 21.33 -2.14 -12.02
C PHE B 105 20.71 -1.70 -13.33
N LEU B 106 20.56 -0.39 -13.50
CA LEU B 106 19.92 0.15 -14.70
C LEU B 106 20.84 -0.02 -15.90
N PRO B 107 20.41 -0.72 -16.94
CA PRO B 107 21.27 -0.93 -18.11
C PRO B 107 21.20 0.24 -19.08
N GLY B 108 22.17 0.30 -19.96
CA GLY B 108 22.22 1.32 -20.98
C GLY B 108 23.65 1.61 -21.38
N THR B 109 23.77 2.56 -22.31
CA THR B 109 25.08 2.99 -22.80
C THR B 109 25.61 4.19 -22.02
N ALA B 110 24.75 5.13 -21.67
CA ALA B 110 25.17 6.28 -20.89
C ALA B 110 25.65 5.86 -19.50
N GLN B 111 25.02 4.84 -18.93
CA GLN B 111 25.45 4.36 -17.62
C GLN B 111 26.87 3.81 -17.66
N GLU B 112 27.19 3.04 -18.70
CA GLU B 112 28.54 2.50 -18.82
C GLU B 112 29.54 3.59 -19.16
N TYR B 113 29.17 4.52 -20.04
CA TYR B 113 30.09 5.59 -20.43
C TYR B 113 30.34 6.55 -19.29
N GLY B 114 29.41 6.65 -18.34
CA GLY B 114 29.60 7.52 -17.19
C GLY B 114 30.35 6.91 -16.04
N GLY B 115 30.61 5.60 -16.09
CA GLY B 115 31.33 4.93 -15.02
C GLY B 115 30.46 4.49 -13.88
N ILE B 116 29.43 3.71 -14.18
CA ILE B 116 28.56 3.18 -13.13
C ILE B 116 29.30 2.23 -12.20
N ILE B 117 30.38 1.61 -12.69
CA ILE B 117 31.14 0.66 -11.88
C ILE B 117 31.75 1.35 -10.67
N ARG B 118 32.33 2.54 -10.88
CA ARG B 118 32.96 3.25 -9.77
C ARG B 118 31.97 3.62 -8.68
N HIS B 119 30.78 4.08 -9.07
CA HIS B 119 29.81 4.52 -8.08
C HIS B 119 29.14 3.33 -7.38
N GLY B 120 28.92 2.24 -8.12
CA GLY B 120 28.50 1.02 -7.46
C GLY B 120 29.51 0.54 -6.45
N ALA B 121 30.79 0.64 -6.79
CA ALA B 121 31.84 0.31 -5.82
C ALA B 121 31.81 1.26 -4.64
N LYS B 122 31.51 2.54 -4.87
CA LYS B 122 31.37 3.48 -3.77
C LYS B 122 30.31 3.02 -2.78
N LEU B 123 29.13 2.67 -3.28
CA LEU B 123 28.05 2.24 -2.38
C LEU B 123 28.40 0.94 -1.68
N LEU B 124 28.98 -0.01 -2.41
CA LEU B 124 29.39 -1.28 -1.81
C LEU B 124 30.41 -1.05 -0.70
N TYR B 125 31.41 -0.21 -0.94
CA TYR B 125 32.41 0.09 0.08
C TYR B 125 31.78 0.81 1.27
N ALA B 126 30.83 1.70 1.01
CA ALA B 126 30.19 2.42 2.11
C ALA B 126 29.47 1.45 3.04
N PHE B 127 28.76 0.46 2.48
CA PHE B 127 28.15 -0.53 3.35
C PHE B 127 29.16 -1.48 3.99
N ALA B 128 30.26 -1.79 3.29
CA ALA B 128 31.22 -2.75 3.83
C ALA B 128 32.01 -2.16 5.00
N GLU B 129 32.32 -0.87 4.93
CA GLU B 129 33.11 -0.24 5.99
C GLU B 129 32.30 -0.05 7.27
N ALA B 130 30.98 0.05 7.17
CA ALA B 130 30.16 0.46 8.30
C ALA B 130 30.38 -0.44 9.51
N THR B 131 30.61 0.19 10.66
CA THR B 131 30.85 -0.53 11.91
C THR B 131 29.77 -0.26 12.95
N VAL B 132 28.77 0.55 12.64
CA VAL B 132 27.65 0.79 13.54
C VAL B 132 26.66 -0.35 13.37
N PRO B 133 25.79 -0.61 14.35
CA PRO B 133 24.77 -1.65 14.16
C PRO B 133 23.87 -1.34 12.97
N LYS B 134 23.53 -2.38 12.22
CA LYS B 134 22.70 -2.22 11.03
C LYS B 134 21.71 -3.37 10.93
N VAL B 135 20.48 -3.04 10.55
CA VAL B 135 19.40 -4.01 10.38
C VAL B 135 18.84 -3.86 8.98
N THR B 136 18.58 -4.99 8.33
CA THR B 136 18.12 -5.01 6.94
C THR B 136 16.85 -5.84 6.82
N VAL B 137 15.90 -5.35 6.04
CA VAL B 137 14.64 -6.03 5.77
C VAL B 137 14.46 -6.12 4.26
N ILE B 138 14.20 -7.33 3.77
CA ILE B 138 13.98 -7.57 2.35
C ILE B 138 12.49 -7.73 2.13
N THR B 139 11.89 -6.81 1.37
CA THR B 139 10.45 -6.80 1.18
C THR B 139 10.02 -7.68 0.00
N ARG B 140 10.50 -7.35 -1.20
CA ARG B 140 10.09 -8.11 -2.38
C ARG B 140 11.26 -8.75 -3.13
N LYS B 141 12.27 -7.97 -3.53
CA LYS B 141 13.22 -8.44 -4.52
C LYS B 141 14.66 -8.15 -4.10
N ALA B 142 15.56 -9.01 -4.56
CA ALA B 142 17.00 -8.80 -4.41
C ALA B 142 17.68 -9.69 -5.45
N TYR B 143 18.27 -9.07 -6.47
CA TYR B 143 18.80 -9.79 -7.63
C TYR B 143 20.27 -9.47 -7.86
N GLY B 144 21.04 -10.51 -8.19
CA GLY B 144 22.41 -10.36 -8.63
C GLY B 144 23.32 -9.76 -7.59
N GLY B 145 24.32 -9.02 -8.06
CA GLY B 145 25.24 -8.34 -7.17
C GLY B 145 24.62 -7.20 -6.39
N ALA B 146 23.45 -6.72 -6.85
CA ALA B 146 22.74 -5.69 -6.09
C ALA B 146 22.31 -6.20 -4.73
N TYR B 147 22.09 -7.51 -4.60
CA TYR B 147 21.77 -8.08 -3.29
C TYR B 147 22.95 -7.93 -2.33
N ASP B 148 24.17 -8.16 -2.82
CA ASP B 148 25.35 -7.97 -1.97
C ASP B 148 25.62 -6.50 -1.71
N VAL B 149 25.38 -5.65 -2.71
CA VAL B 149 25.68 -4.22 -2.59
C VAL B 149 24.87 -3.57 -1.48
N MET B 150 23.70 -4.12 -1.17
CA MET B 150 22.78 -3.52 -0.21
C MET B 150 22.91 -4.13 1.17
N SER B 151 24.14 -4.42 1.59
CA SER B 151 24.46 -4.89 2.94
C SER B 151 23.82 -6.25 3.23
N SER B 152 24.26 -7.25 2.47
CA SER B 152 23.86 -8.62 2.73
C SER B 152 24.48 -9.10 4.04
N LYS B 153 24.17 -10.34 4.41
CA LYS B 153 24.67 -10.89 5.66
C LYS B 153 26.19 -11.01 5.66
N HIS B 154 26.80 -11.18 4.48
CA HIS B 154 28.20 -11.50 4.38
C HIS B 154 29.12 -10.29 4.46
N LEU B 155 28.56 -9.08 4.53
CA LEU B 155 29.33 -7.86 4.72
C LEU B 155 29.32 -7.43 6.19
N CYS B 156 29.37 -8.39 7.10
CA CYS B 156 29.32 -8.16 8.54
C CYS B 156 27.99 -7.52 8.97
N GLY B 157 26.91 -7.84 8.25
CA GLY B 157 25.60 -7.44 8.70
C GLY B 157 25.18 -8.18 9.95
N ASP B 158 24.34 -7.52 10.76
CA ASP B 158 23.98 -8.05 12.06
C ASP B 158 22.72 -8.91 12.01
N THR B 159 21.59 -8.33 11.59
CA THR B 159 20.32 -9.03 11.54
C THR B 159 19.66 -8.76 10.19
N ASN B 160 19.19 -9.82 9.55
CA ASN B 160 18.52 -9.72 8.27
C ASN B 160 17.17 -10.42 8.35
N TYR B 161 16.14 -9.79 7.80
CA TYR B 161 14.80 -10.35 7.81
C TYR B 161 14.22 -10.28 6.41
N ALA B 162 13.36 -11.25 6.08
CA ALA B 162 12.70 -11.31 4.79
C ALA B 162 11.21 -11.53 4.99
N TRP B 163 10.40 -10.69 4.36
CA TRP B 163 8.96 -10.86 4.41
C TRP B 163 8.56 -12.08 3.59
N PRO B 164 7.38 -12.66 3.87
CA PRO B 164 6.97 -13.85 3.12
C PRO B 164 6.83 -13.63 1.63
N THR B 165 6.69 -12.39 1.18
CA THR B 165 6.59 -12.09 -0.25
C THR B 165 7.93 -11.79 -0.88
N ALA B 166 9.02 -11.84 -0.13
CA ALA B 166 10.35 -11.57 -0.66
C ALA B 166 10.87 -12.78 -1.43
N GLU B 167 11.93 -12.54 -2.21
CA GLU B 167 12.56 -13.61 -2.98
C GLU B 167 13.95 -13.16 -3.40
N ILE B 168 14.92 -14.07 -3.25
CA ILE B 168 16.32 -13.80 -3.56
C ILE B 168 16.77 -14.78 -4.63
N ALA B 169 17.39 -14.27 -5.68
CA ALA B 169 17.87 -15.11 -6.77
C ALA B 169 19.03 -14.42 -7.47
N VAL B 170 19.80 -15.21 -8.22
CA VAL B 170 20.91 -14.66 -8.98
C VAL B 170 20.39 -13.76 -10.11
N MET B 171 19.43 -14.25 -10.88
CA MET B 171 18.82 -13.50 -11.95
C MET B 171 17.32 -13.80 -11.96
N GLY B 172 16.65 -13.40 -13.02
CA GLY B 172 15.26 -13.77 -13.20
C GLY B 172 15.11 -15.23 -13.60
N ALA B 173 13.88 -15.72 -13.51
CA ALA B 173 13.62 -17.10 -13.86
C ALA B 173 13.86 -17.37 -15.34
N LYS B 174 13.42 -16.45 -16.20
CA LYS B 174 13.57 -16.66 -17.64
C LYS B 174 15.03 -16.70 -18.05
N GLY B 175 15.84 -15.77 -17.54
CA GLY B 175 17.25 -15.75 -17.90
C GLY B 175 18.00 -16.99 -17.41
N ALA B 176 17.73 -17.40 -16.17
CA ALA B 176 18.37 -18.60 -15.64
C ALA B 176 17.97 -19.83 -16.42
N VAL B 177 16.68 -19.95 -16.76
CA VAL B 177 16.22 -21.10 -17.53
C VAL B 177 16.88 -21.11 -18.91
N GLU B 178 16.96 -19.95 -19.56
CA GLU B 178 17.57 -19.88 -20.88
C GLU B 178 19.05 -20.22 -20.83
N ILE B 179 19.76 -19.74 -19.82
CA ILE B 179 21.20 -19.96 -19.75
C ILE B 179 21.54 -21.36 -19.24
N ILE B 180 20.60 -22.04 -18.59
CA ILE B 180 20.86 -23.39 -18.09
C ILE B 180 20.29 -24.41 -19.06
N PHE B 181 18.99 -24.37 -19.28
CA PHE B 181 18.30 -25.36 -20.12
C PHE B 181 18.29 -24.87 -21.57
N LYS B 182 19.46 -24.99 -22.20
CA LYS B 182 19.61 -24.61 -23.60
C LYS B 182 19.44 -25.81 -24.53
N GLY B 183 20.13 -26.91 -24.26
CA GLY B 183 19.99 -28.09 -25.09
C GLY B 183 18.62 -28.72 -24.99
N HIS B 184 18.01 -28.68 -23.80
CA HIS B 184 16.69 -29.31 -23.62
C HIS B 184 15.62 -28.60 -24.42
N GLU B 185 15.81 -27.30 -24.71
CA GLU B 185 14.91 -26.47 -25.51
C GLU B 185 13.43 -26.68 -25.17
N ASN B 186 13.15 -26.96 -23.90
CA ASN B 186 11.78 -27.16 -23.43
C ASN B 186 11.59 -26.31 -22.18
N VAL B 187 11.01 -25.13 -22.35
CA VAL B 187 10.76 -24.21 -21.23
C VAL B 187 9.30 -24.27 -20.77
N GLU B 188 8.51 -25.20 -21.32
CA GLU B 188 7.11 -25.30 -20.93
C GLU B 188 6.96 -25.70 -19.47
N ALA B 189 7.78 -26.64 -19.01
CA ALA B 189 7.71 -27.13 -17.64
C ALA B 189 8.88 -26.71 -16.78
N ALA B 190 10.09 -26.70 -17.33
CA ALA B 190 11.28 -26.37 -16.55
C ALA B 190 11.14 -25.01 -15.87
N GLN B 191 10.54 -24.05 -16.56
CA GLN B 191 10.23 -22.77 -15.94
C GLN B 191 9.30 -22.95 -14.76
N ALA B 192 8.33 -23.86 -14.87
CA ALA B 192 7.40 -24.10 -13.78
C ALA B 192 8.12 -24.64 -12.55
N GLU B 193 9.00 -25.63 -12.73
CA GLU B 193 9.75 -26.13 -11.57
C GLU B 193 10.66 -25.04 -11.01
N TYR B 194 11.30 -24.26 -11.88
CA TYR B 194 12.19 -23.21 -11.40
C TYR B 194 11.43 -22.18 -10.56
N ILE B 195 10.26 -21.76 -11.02
CA ILE B 195 9.50 -20.74 -10.28
C ILE B 195 8.79 -21.33 -9.07
N GLU B 196 8.58 -22.64 -9.01
CA GLU B 196 7.98 -23.22 -7.82
C GLU B 196 9.01 -23.65 -6.78
N LYS B 197 10.29 -23.73 -7.17
CA LYS B 197 11.33 -24.15 -6.23
C LYS B 197 12.26 -23.02 -5.83
N PHE B 198 12.86 -22.32 -6.79
CA PHE B 198 13.87 -21.31 -6.49
C PHE B 198 13.32 -19.88 -6.46
N ALA B 199 12.04 -19.67 -6.76
CA ALA B 199 11.46 -18.33 -6.71
C ALA B 199 10.81 -18.06 -5.35
N ASN B 200 11.56 -18.28 -4.28
CA ASN B 200 11.10 -18.08 -2.93
C ASN B 200 12.32 -17.94 -2.02
N PRO B 201 12.15 -17.38 -0.82
CA PRO B 201 13.30 -17.16 0.07
C PRO B 201 13.81 -18.40 0.78
N PHE B 202 13.38 -19.59 0.39
CA PHE B 202 13.77 -20.81 1.07
C PHE B 202 15.22 -21.22 0.79
N PRO B 203 15.73 -21.12 -0.44
CA PRO B 203 17.16 -21.40 -0.64
C PRO B 203 18.07 -20.52 0.20
N ALA B 204 17.71 -19.26 0.38
CA ALA B 204 18.50 -18.39 1.25
C ALA B 204 18.28 -18.70 2.72
N ALA B 205 17.08 -19.18 3.08
CA ALA B 205 16.79 -19.47 4.48
C ALA B 205 17.49 -20.74 4.95
N VAL B 206 17.52 -21.77 4.11
CA VAL B 206 18.12 -23.04 4.53
C VAL B 206 19.63 -22.88 4.71
N ARG B 207 20.26 -21.97 3.97
CA ARG B 207 21.69 -21.76 4.06
C ARG B 207 22.06 -20.72 5.11
N GLY B 208 21.09 -20.20 5.86
CA GLY B 208 21.39 -19.25 6.90
C GLY B 208 21.72 -17.85 6.42
N PHE B 209 21.30 -17.49 5.21
CA PHE B 209 21.57 -16.15 4.69
C PHE B 209 20.60 -15.11 5.23
N VAL B 210 19.51 -15.52 5.85
CA VAL B 210 18.57 -14.62 6.50
C VAL B 210 18.30 -15.15 7.91
N ASP B 211 18.21 -14.25 8.87
CA ASP B 211 18.04 -14.66 10.26
C ASP B 211 16.73 -15.41 10.47
N ASP B 212 15.64 -14.88 9.90
CA ASP B 212 14.33 -15.48 10.09
C ASP B 212 13.39 -14.79 9.11
N ILE B 213 12.28 -15.46 8.80
CA ILE B 213 11.23 -14.91 7.93
C ILE B 213 10.10 -14.46 8.83
N ILE B 214 9.87 -13.14 8.89
CA ILE B 214 8.99 -12.55 9.88
C ILE B 214 7.71 -12.07 9.21
N GLN B 215 6.64 -12.04 9.98
CA GLN B 215 5.40 -11.45 9.51
C GLN B 215 5.55 -9.93 9.42
N PRO B 216 5.01 -9.30 8.37
CA PRO B 216 5.17 -7.84 8.24
C PRO B 216 4.63 -7.06 9.42
N SER B 217 3.51 -7.49 9.99
CA SER B 217 2.87 -6.72 11.06
C SER B 217 3.75 -6.59 12.30
N SER B 218 4.72 -7.48 12.48
CA SER B 218 5.62 -7.42 13.61
C SER B 218 6.94 -6.74 13.30
N THR B 219 7.10 -6.21 12.09
CA THR B 219 8.39 -5.66 11.64
C THR B 219 9.00 -4.74 12.69
N ARG B 220 8.30 -3.65 13.02
CA ARG B 220 8.82 -2.70 14.00
C ARG B 220 9.16 -3.41 15.31
N ALA B 221 8.25 -4.26 15.79
CA ALA B 221 8.45 -4.92 17.07
C ALA B 221 9.72 -5.74 17.11
N ARG B 222 10.24 -6.13 15.94
CA ARG B 222 11.53 -6.82 15.92
C ARG B 222 12.68 -5.83 15.98
N ILE B 223 12.64 -4.81 15.12
CA ILE B 223 13.81 -3.97 14.89
C ILE B 223 14.25 -3.30 16.18
N CYS B 224 13.29 -2.70 16.91
CA CYS B 224 13.59 -2.07 18.19
C CYS B 224 14.37 -3.01 19.08
N CYS B 225 13.89 -4.27 19.20
CA CYS B 225 14.57 -5.23 20.06
C CYS B 225 16.03 -5.39 19.65
N ASP B 226 16.28 -5.52 18.35
CA ASP B 226 17.67 -5.65 17.89
C ASP B 226 18.48 -4.42 18.26
N LEU B 227 17.90 -3.24 18.10
CA LEU B 227 18.62 -2.02 18.43
C LEU B 227 18.93 -1.93 19.92
N ASP B 228 18.21 -2.69 20.75
CA ASP B 228 18.54 -2.74 22.17
C ASP B 228 19.75 -3.61 22.43
N VAL B 229 19.95 -4.66 21.64
CA VAL B 229 21.03 -5.60 21.91
C VAL B 229 22.32 -5.14 21.27
N LEU B 230 22.25 -4.57 20.07
CA LEU B 230 23.43 -4.17 19.31
C LEU B 230 23.97 -2.82 19.72
N ALA B 231 23.44 -2.20 20.79
CA ALA B 231 23.88 -0.88 21.18
C ALA B 231 25.32 -0.86 21.69
N SER B 232 25.86 -2.01 22.07
CA SER B 232 27.21 -2.10 22.63
C SER B 232 28.18 -2.80 21.70
N LYS B 233 27.92 -2.73 20.39
CA LYS B 233 28.75 -3.45 19.42
C LYS B 233 30.14 -2.82 19.34
N LYS B 234 31.16 -3.67 19.32
CA LYS B 234 32.54 -3.25 19.18
C LYS B 234 33.28 -4.27 18.33
N VAL B 235 34.01 -3.80 17.32
CA VAL B 235 34.81 -4.66 16.46
C VAL B 235 36.21 -4.08 16.34
N GLN B 236 37.14 -4.92 15.88
CA GLN B 236 38.53 -4.53 15.70
C GLN B 236 38.95 -4.76 14.25
N ARG B 237 39.71 -3.83 13.71
CA ARG B 237 40.16 -3.85 12.33
C ARG B 237 41.66 -3.59 12.29
N PRO B 238 42.34 -4.04 11.23
CA PRO B 238 43.78 -3.77 11.12
C PRO B 238 44.07 -2.28 11.04
N TRP B 239 45.23 -1.89 11.55
CA TRP B 239 45.60 -0.48 11.61
C TRP B 239 45.96 0.04 10.22
N ARG B 240 45.54 1.28 9.93
CA ARG B 240 45.90 1.96 8.69
C ARG B 240 45.63 3.45 8.86
N LYS B 241 46.35 4.26 8.10
CA LYS B 241 46.12 5.71 8.13
C LYS B 241 44.72 6.05 7.63
N HIS B 242 44.37 5.56 6.44
CA HIS B 242 43.04 5.72 5.87
C HIS B 242 42.96 4.83 4.65
N ALA B 243 41.80 4.20 4.45
CA ALA B 243 41.62 3.31 3.31
C ALA B 243 41.39 4.13 2.05
N ASN B 244 41.29 3.43 0.92
CA ASN B 244 41.21 4.08 -0.39
C ASN B 244 39.77 3.99 -0.90
N ILE B 245 38.99 5.01 -0.60
CA ILE B 245 37.63 5.15 -1.17
C ILE B 245 37.76 5.22 -2.69
N PRO B 246 36.91 4.53 -3.46
CA PRO B 246 37.11 4.50 -4.92
C PRO B 246 36.69 5.76 -5.66
N LEU B 247 36.54 6.89 -4.96
CA LEU B 247 36.16 8.14 -5.62
C LEU B 247 37.07 8.47 -6.80
N ALA C 32 48.15 -53.66 -1.93
CA ALA C 32 48.24 -52.73 -3.04
C ALA C 32 47.18 -51.63 -2.92
N THR C 33 47.63 -50.38 -2.98
CA THR C 33 46.75 -49.22 -2.87
C THR C 33 46.89 -48.36 -4.12
N SER C 34 45.76 -47.86 -4.62
CA SER C 34 45.73 -47.01 -5.80
C SER C 34 45.77 -45.53 -5.46
N VAL C 35 46.32 -45.16 -4.31
CA VAL C 35 46.39 -43.76 -3.93
C VAL C 35 47.56 -43.04 -4.61
N ASN C 36 48.62 -43.75 -4.96
CA ASN C 36 49.75 -43.11 -5.63
C ASN C 36 49.37 -42.66 -7.03
N GLU C 37 48.64 -43.49 -7.77
CA GLU C 37 48.24 -43.11 -9.12
C GLU C 37 47.18 -42.02 -9.11
N ARG C 38 46.35 -41.96 -8.05
CA ARG C 38 45.34 -40.91 -7.96
C ARG C 38 45.98 -39.53 -7.89
N ILE C 39 47.09 -39.41 -7.15
CA ILE C 39 47.78 -38.13 -7.06
C ILE C 39 48.29 -37.69 -8.42
N GLU C 40 48.90 -38.62 -9.17
CA GLU C 40 49.40 -38.29 -10.50
C GLU C 40 48.26 -37.91 -11.43
N ASN C 41 47.13 -38.64 -11.36
CA ASN C 41 46.00 -38.33 -12.22
C ASN C 41 45.44 -36.94 -11.91
N LYS C 42 45.30 -36.61 -10.62
CA LYS C 42 44.80 -35.29 -10.25
C LYS C 42 45.78 -34.20 -10.69
N ARG C 43 47.08 -34.44 -10.54
CA ARG C 43 48.08 -33.45 -10.96
C ARG C 43 48.01 -33.22 -12.46
N ARG C 44 47.90 -34.30 -13.25
CA ARG C 44 47.85 -34.13 -14.69
C ARG C 44 46.53 -33.49 -15.13
N THR C 45 45.44 -33.77 -14.42
CA THR C 45 44.18 -33.10 -14.72
C THR C 45 44.26 -31.60 -14.43
N ALA C 46 44.90 -31.24 -13.31
CA ALA C 46 45.07 -29.83 -12.99
C ALA C 46 45.96 -29.13 -14.01
N LEU C 47 47.05 -29.78 -14.41
CA LEU C 47 47.95 -29.19 -15.40
C LEU C 47 47.27 -29.03 -16.75
N LEU C 48 46.48 -30.02 -17.17
CA LEU C 48 45.80 -29.98 -18.46
C LEU C 48 44.50 -29.19 -18.42
N GLY C 49 44.08 -28.70 -17.26
CA GLY C 49 42.85 -27.92 -17.19
C GLY C 49 41.63 -28.76 -17.49
N GLY C 50 40.75 -28.22 -18.32
CA GLY C 50 39.50 -28.87 -18.67
C GLY C 50 39.45 -29.54 -20.03
N GLY C 51 40.58 -29.68 -20.70
CA GLY C 51 40.63 -30.34 -22.00
C GLY C 51 41.61 -29.69 -22.95
N GLN C 52 42.22 -30.51 -23.81
CA GLN C 52 43.19 -30.01 -24.77
C GLN C 52 42.52 -29.16 -25.84
N ARG C 53 41.29 -29.49 -26.22
CA ARG C 53 40.57 -28.69 -27.21
C ARG C 53 40.32 -27.28 -26.69
N ARG C 54 39.97 -27.15 -25.42
CA ARG C 54 39.78 -25.83 -24.83
C ARG C 54 41.10 -25.06 -24.78
N ILE C 55 42.20 -25.76 -24.53
CA ILE C 55 43.51 -25.11 -24.55
C ILE C 55 43.83 -24.58 -25.96
N ASP C 56 43.52 -25.39 -26.98
CA ASP C 56 43.75 -24.95 -28.35
C ASP C 56 42.87 -23.75 -28.69
N ALA C 57 41.61 -23.76 -28.23
CA ALA C 57 40.74 -22.62 -28.45
C ALA C 57 41.28 -21.37 -27.75
N GLN C 58 41.80 -21.53 -26.53
CA GLN C 58 42.42 -20.41 -25.83
C GLN C 58 43.62 -19.86 -26.60
N HIS C 59 44.45 -20.75 -27.14
CA HIS C 59 45.64 -20.32 -27.87
C HIS C 59 45.28 -19.68 -29.20
N LYS C 60 44.15 -20.08 -29.80
CA LYS C 60 43.77 -19.53 -31.09
C LYS C 60 43.45 -18.04 -31.00
N ARG C 61 42.85 -17.60 -29.91
CA ARG C 61 42.53 -16.19 -29.70
C ARG C 61 43.73 -15.35 -29.29
N GLY C 62 44.93 -15.93 -29.31
CA GLY C 62 46.12 -15.18 -28.92
C GLY C 62 46.24 -14.92 -27.44
N LYS C 63 45.60 -15.73 -26.61
CA LYS C 63 45.64 -15.56 -25.16
C LYS C 63 46.23 -16.81 -24.52
N LEU C 64 47.08 -16.61 -23.52
CA LEU C 64 47.74 -17.70 -22.83
C LEU C 64 46.79 -18.34 -21.81
N THR C 65 47.30 -19.26 -21.01
CA THR C 65 46.55 -19.85 -19.91
C THR C 65 47.11 -19.34 -18.58
N ALA C 66 46.41 -19.67 -17.51
CA ALA C 66 46.73 -19.10 -16.21
C ALA C 66 48.12 -19.51 -15.73
N ARG C 67 48.49 -20.77 -15.95
CA ARG C 67 49.75 -21.28 -15.40
C ARG C 67 50.95 -20.57 -16.01
N GLU C 68 50.97 -20.42 -17.33
CA GLU C 68 52.11 -19.75 -17.94
C GLU C 68 52.06 -18.23 -17.72
N ARG C 69 50.86 -17.67 -17.51
CA ARG C 69 50.79 -16.28 -17.07
C ARG C 69 51.49 -16.10 -15.74
N ILE C 70 51.21 -17.00 -14.78
CA ILE C 70 51.87 -16.92 -13.47
C ILE C 70 53.37 -17.15 -13.61
N SER C 71 53.76 -18.10 -14.45
CA SER C 71 55.18 -18.37 -14.65
C SER C 71 55.91 -17.15 -15.21
N LEU C 72 55.28 -16.46 -16.17
CA LEU C 72 55.88 -15.26 -16.72
C LEU C 72 55.93 -14.13 -15.69
N LEU C 73 54.89 -14.00 -14.88
CA LEU C 73 54.84 -12.89 -13.92
C LEU C 73 55.88 -13.06 -12.82
N LEU C 74 56.00 -14.26 -12.26
CA LEU C 74 56.86 -14.48 -11.11
C LEU C 74 58.27 -14.86 -11.55
N ASP C 75 59.20 -14.83 -10.59
CA ASP C 75 60.55 -15.25 -10.85
C ASP C 75 60.59 -16.76 -11.10
N PRO C 76 61.56 -17.22 -11.91
CA PRO C 76 61.63 -18.65 -12.21
C PRO C 76 61.92 -19.48 -10.96
N GLY C 77 61.20 -20.60 -10.84
CA GLY C 77 61.39 -21.50 -9.72
C GLY C 77 61.08 -20.90 -8.36
N SER C 78 60.01 -20.11 -8.28
CA SER C 78 59.64 -19.49 -7.01
C SER C 78 58.16 -19.55 -6.70
N PHE C 79 57.33 -20.12 -7.57
CA PHE C 79 55.89 -20.20 -7.34
C PHE C 79 55.56 -21.43 -6.54
N VAL C 80 54.84 -21.25 -5.43
CA VAL C 80 54.44 -22.34 -4.55
C VAL C 80 52.92 -22.39 -4.57
N GLU C 81 52.36 -23.27 -5.38
CA GLU C 81 50.91 -23.39 -5.50
C GLU C 81 50.32 -23.97 -4.22
N SER C 82 49.16 -23.46 -3.83
CA SER C 82 48.45 -23.94 -2.66
C SER C 82 47.02 -24.32 -3.05
N ASP C 83 46.49 -25.33 -2.36
CA ASP C 83 45.13 -25.83 -2.59
C ASP C 83 44.93 -26.26 -4.04
N MET C 84 45.69 -27.27 -4.44
CA MET C 84 45.58 -27.84 -5.78
C MET C 84 44.61 -29.01 -5.84
N PHE C 85 44.00 -29.39 -4.71
CA PHE C 85 43.11 -30.54 -4.68
C PHE C 85 41.73 -30.15 -4.17
N VAL C 86 41.18 -29.04 -4.66
CA VAL C 86 39.89 -28.53 -4.24
C VAL C 86 38.93 -28.61 -5.42
N GLU C 87 37.74 -29.17 -5.19
CA GLU C 87 36.73 -29.34 -6.21
C GLU C 87 35.38 -28.86 -5.67
N HIS C 88 34.52 -28.43 -6.59
CA HIS C 88 33.21 -27.94 -6.20
C HIS C 88 32.35 -29.06 -5.63
N ARG C 89 31.54 -28.72 -4.63
CA ARG C 89 30.71 -29.69 -3.92
C ARG C 89 29.23 -29.59 -4.30
N CYS C 90 28.90 -28.87 -5.36
CA CYS C 90 27.51 -28.76 -5.79
C CYS C 90 27.03 -30.09 -6.37
N ALA C 91 25.79 -30.44 -6.08
CA ALA C 91 25.20 -31.69 -6.53
C ALA C 91 23.77 -31.46 -7.03
N ASP C 92 23.58 -30.41 -7.83
CA ASP C 92 22.28 -30.07 -8.36
C ASP C 92 22.38 -29.78 -9.85
N PHE C 93 21.28 -30.01 -10.56
CA PHE C 93 21.18 -29.74 -12.00
C PHE C 93 22.23 -30.51 -12.79
N GLY C 94 22.53 -31.73 -12.33
CA GLY C 94 23.49 -32.58 -13.02
C GLY C 94 24.94 -32.21 -12.81
N MET C 95 25.24 -31.28 -11.91
CA MET C 95 26.63 -30.90 -11.65
C MET C 95 27.41 -31.96 -10.89
N ALA C 96 26.74 -32.99 -10.37
CA ALA C 96 27.41 -34.05 -9.64
C ALA C 96 28.08 -35.07 -10.54
N ALA C 97 27.89 -34.98 -11.85
CA ALA C 97 28.52 -35.91 -12.77
C ALA C 97 30.03 -35.74 -12.78
N ASP C 98 30.74 -36.84 -13.05
CA ASP C 98 32.19 -36.80 -13.07
C ASP C 98 32.72 -35.91 -14.19
N LYS C 99 32.00 -35.82 -15.31
CA LYS C 99 32.44 -34.98 -16.41
C LYS C 99 32.42 -33.49 -16.06
N ASN C 100 31.59 -33.09 -15.10
CA ASN C 100 31.52 -31.70 -14.66
C ASN C 100 32.34 -31.43 -13.40
N LYS C 101 33.08 -32.43 -12.92
CA LYS C 101 33.88 -32.30 -11.71
C LYS C 101 35.35 -32.21 -12.10
N PHE C 102 35.97 -31.07 -11.83
CA PHE C 102 37.37 -30.84 -12.15
C PHE C 102 38.10 -30.34 -10.92
N PRO C 103 39.29 -30.86 -10.63
CA PRO C 103 40.08 -30.33 -9.51
C PRO C 103 40.53 -28.92 -9.78
N GLY C 104 40.74 -28.16 -8.70
CA GLY C 104 41.20 -26.80 -8.77
C GLY C 104 40.09 -25.77 -8.89
N ASP C 105 38.95 -26.14 -9.48
CA ASP C 105 37.79 -25.25 -9.61
C ASP C 105 38.13 -23.99 -10.39
N SER C 106 38.96 -24.14 -11.42
CA SER C 106 39.25 -23.06 -12.38
C SER C 106 39.82 -21.82 -11.70
N VAL C 107 40.86 -22.03 -10.89
CA VAL C 107 41.59 -20.92 -10.29
C VAL C 107 42.93 -21.46 -9.81
N VAL C 108 43.98 -20.66 -10.01
CA VAL C 108 45.33 -21.03 -9.62
C VAL C 108 45.84 -19.95 -8.67
N THR C 109 46.08 -20.32 -7.42
CA THR C 109 46.46 -19.38 -6.38
C THR C 109 47.76 -19.80 -5.72
N GLY C 110 48.49 -18.82 -5.19
CA GLY C 110 49.72 -19.15 -4.48
C GLY C 110 50.52 -17.91 -4.13
N ARG C 111 51.78 -18.13 -3.80
CA ARG C 111 52.71 -17.07 -3.43
C ARG C 111 54.00 -17.23 -4.24
N GLY C 112 54.73 -16.13 -4.35
CA GLY C 112 55.97 -16.15 -5.10
C GLY C 112 56.81 -14.94 -4.75
N ARG C 113 57.88 -14.76 -5.52
CA ARG C 113 58.81 -13.66 -5.30
C ARG C 113 59.04 -12.91 -6.61
N ILE C 114 58.87 -11.60 -6.57
CA ILE C 114 59.21 -10.71 -7.68
C ILE C 114 60.44 -9.92 -7.26
N ASN C 115 61.53 -10.10 -7.99
CA ASN C 115 62.81 -9.44 -7.70
C ASN C 115 63.22 -9.65 -6.24
N GLY C 116 62.91 -10.82 -5.69
CA GLY C 116 63.27 -11.14 -4.33
C GLY C 116 62.28 -10.75 -3.26
N ARG C 117 61.22 -10.02 -3.62
CA ARG C 117 60.23 -9.57 -2.64
C ARG C 117 58.96 -10.41 -2.76
N LEU C 118 58.41 -10.79 -1.61
CA LEU C 118 57.28 -11.69 -1.58
C LEU C 118 56.02 -11.04 -2.16
N VAL C 119 55.16 -11.86 -2.75
CA VAL C 119 53.90 -11.41 -3.29
C VAL C 119 52.95 -12.61 -3.34
N TYR C 120 51.65 -12.33 -3.31
CA TYR C 120 50.62 -13.36 -3.44
C TYR C 120 49.84 -13.12 -4.73
N VAL C 121 49.48 -14.20 -5.41
CA VAL C 121 48.91 -14.12 -6.74
C VAL C 121 47.75 -15.11 -6.87
N PHE C 122 46.73 -14.71 -7.62
CA PHE C 122 45.67 -15.62 -8.03
C PHE C 122 45.28 -15.31 -9.47
N SER C 123 45.02 -16.37 -10.23
CA SER C 123 44.68 -16.27 -11.64
C SER C 123 43.43 -17.10 -11.91
N GLN C 124 42.60 -16.62 -12.83
CA GLN C 124 41.31 -17.22 -13.13
C GLN C 124 41.37 -17.93 -14.46
N ASP C 125 40.87 -19.16 -14.50
CA ASP C 125 40.97 -20.02 -15.68
C ASP C 125 39.64 -20.02 -16.43
N PHE C 126 39.66 -19.51 -17.66
CA PHE C 126 38.48 -19.48 -18.51
C PHE C 126 38.11 -20.84 -19.08
N THR C 127 38.98 -21.85 -18.89
CA THR C 127 38.74 -23.16 -19.50
C THR C 127 37.53 -23.85 -18.89
N VAL C 128 37.36 -23.77 -17.57
CA VAL C 128 36.41 -24.59 -16.83
C VAL C 128 35.19 -23.71 -16.53
N PHE C 129 34.10 -23.95 -17.26
CA PHE C 129 32.88 -23.15 -17.17
C PHE C 129 33.15 -21.66 -17.33
N GLY C 130 34.08 -21.31 -18.22
CA GLY C 130 34.35 -19.92 -18.52
C GLY C 130 34.84 -19.11 -17.33
N GLY C 131 35.47 -19.77 -16.35
CA GLY C 131 35.95 -19.05 -15.19
C GLY C 131 34.89 -18.62 -14.22
N SER C 132 33.68 -19.18 -14.32
CA SER C 132 32.60 -18.81 -13.42
C SER C 132 32.97 -19.14 -11.98
N LEU C 133 32.58 -18.26 -11.06
CA LEU C 133 32.95 -18.38 -9.67
C LEU C 133 31.92 -19.20 -8.91
N SER C 134 32.41 -20.01 -7.96
CA SER C 134 31.58 -20.89 -7.16
C SER C 134 32.08 -20.86 -5.73
N GLY C 135 31.65 -21.83 -4.93
CA GLY C 135 32.08 -21.87 -3.54
C GLY C 135 33.57 -22.08 -3.39
N ALA C 136 34.13 -23.04 -4.13
CA ALA C 136 35.55 -23.34 -4.00
C ALA C 136 36.42 -22.21 -4.54
N HIS C 137 36.00 -21.60 -5.66
CA HIS C 137 36.73 -20.48 -6.23
C HIS C 137 36.86 -19.33 -5.24
N ALA C 138 35.73 -18.89 -4.69
CA ALA C 138 35.75 -17.80 -3.73
C ALA C 138 36.45 -18.21 -2.44
N GLN C 139 36.31 -19.46 -2.04
CA GLN C 139 36.97 -19.92 -0.83
C GLN C 139 38.49 -19.84 -0.97
N LYS C 140 39.03 -20.28 -2.12
CA LYS C 140 40.46 -20.20 -2.34
C LYS C 140 40.93 -18.75 -2.40
N ILE C 141 40.19 -17.89 -3.11
CA ILE C 141 40.58 -16.50 -3.19
C ILE C 141 40.60 -15.85 -1.81
N CYS C 142 39.56 -16.12 -1.01
CA CYS C 142 39.49 -15.55 0.33
C CYS C 142 40.62 -16.05 1.21
N LYS C 143 40.94 -17.34 1.13
CA LYS C 143 42.04 -17.88 1.93
C LYS C 143 43.36 -17.21 1.57
N ILE C 144 43.62 -17.04 0.27
CA ILE C 144 44.87 -16.40 -0.15
C ILE C 144 44.93 -14.96 0.33
N MET C 145 43.83 -14.22 0.20
CA MET C 145 43.84 -12.83 0.62
C MET C 145 43.97 -12.69 2.14
N ASP C 146 43.37 -13.61 2.89
CA ASP C 146 43.53 -13.61 4.34
C ASP C 146 44.97 -13.89 4.73
N GLN C 147 45.61 -14.86 4.08
CA GLN C 147 47.02 -15.13 4.37
C GLN C 147 47.88 -13.92 4.04
N ALA C 148 47.59 -13.25 2.92
CA ALA C 148 48.36 -12.09 2.52
C ALA C 148 48.22 -10.95 3.53
N ILE C 149 46.99 -10.69 4.00
CA ILE C 149 46.82 -9.61 4.96
C ILE C 149 47.45 -9.99 6.30
N THR C 150 47.50 -11.28 6.63
CA THR C 150 48.18 -11.70 7.85
C THR C 150 49.67 -11.45 7.75
N VAL C 151 50.31 -11.91 6.67
CA VAL C 151 51.75 -11.76 6.53
C VAL C 151 52.13 -10.32 6.27
N GLY C 152 51.37 -9.63 5.42
CA GLY C 152 51.71 -8.26 5.05
C GLY C 152 52.39 -8.15 3.69
N ALA C 153 51.82 -8.80 2.68
CA ALA C 153 52.36 -8.80 1.33
C ALA C 153 51.29 -8.37 0.34
N PRO C 154 51.68 -7.80 -0.79
CA PRO C 154 50.70 -7.31 -1.76
C PRO C 154 49.95 -8.45 -2.43
N VAL C 155 48.89 -8.09 -3.16
CA VAL C 155 48.06 -9.04 -3.88
C VAL C 155 47.93 -8.57 -5.34
N ILE C 156 48.17 -9.49 -6.26
CA ILE C 156 48.00 -9.26 -7.69
C ILE C 156 46.95 -10.23 -8.20
N GLY C 157 45.97 -9.71 -8.93
CA GLY C 157 44.89 -10.54 -9.42
C GLY C 157 44.70 -10.47 -10.92
N LEU C 158 44.89 -11.61 -11.59
CA LEU C 158 44.68 -11.71 -13.02
C LEU C 158 43.24 -12.16 -13.24
N ASN C 159 42.42 -11.28 -13.82
CA ASN C 159 40.98 -11.47 -13.89
C ASN C 159 40.58 -11.91 -15.29
N ASP C 160 39.91 -13.08 -15.37
CA ASP C 160 39.33 -13.55 -16.62
C ASP C 160 38.19 -14.51 -16.24
N SER C 161 36.95 -14.01 -16.28
CA SER C 161 35.83 -14.80 -15.82
C SER C 161 34.55 -14.29 -16.47
N GLY C 162 33.65 -15.22 -16.79
CA GLY C 162 32.38 -14.87 -17.39
C GLY C 162 31.30 -14.42 -16.44
N GLY C 163 31.56 -14.44 -15.13
CA GLY C 163 30.60 -14.00 -14.14
C GLY C 163 30.40 -15.05 -13.08
N ALA C 164 29.25 -14.98 -12.41
CA ALA C 164 28.90 -15.92 -11.36
C ALA C 164 28.21 -17.15 -11.94
N ARG C 165 28.40 -18.29 -11.29
CA ARG C 165 27.82 -19.54 -11.74
C ARG C 165 26.34 -19.59 -11.35
N ILE C 166 25.47 -19.69 -12.35
CA ILE C 166 24.04 -19.73 -12.09
C ILE C 166 23.64 -21.04 -11.41
N GLN C 167 24.29 -22.14 -11.80
CA GLN C 167 23.94 -23.45 -11.24
C GLN C 167 24.15 -23.49 -9.74
N GLU C 168 25.21 -22.83 -9.25
CA GLU C 168 25.46 -22.82 -7.82
C GLU C 168 24.34 -22.12 -7.05
N GLY C 169 23.85 -21.01 -7.58
CA GLY C 169 22.79 -20.26 -6.92
C GLY C 169 23.35 -19.16 -6.06
N VAL C 170 22.84 -19.05 -4.82
CA VAL C 170 23.26 -18.00 -3.90
C VAL C 170 24.69 -18.15 -3.43
N GLU C 171 25.32 -19.31 -3.69
CA GLU C 171 26.70 -19.52 -3.26
C GLU C 171 27.64 -18.55 -3.96
N SER C 172 27.43 -18.32 -5.26
CA SER C 172 28.29 -17.38 -5.98
C SER C 172 28.13 -15.95 -5.46
N LEU C 173 26.89 -15.56 -5.14
CA LEU C 173 26.67 -14.24 -4.57
C LEU C 173 27.34 -14.10 -3.21
N ALA C 174 27.26 -15.15 -2.38
CA ALA C 174 27.94 -15.13 -1.10
C ALA C 174 29.46 -15.05 -1.28
N GLY C 175 29.99 -15.74 -2.28
CA GLY C 175 31.42 -15.66 -2.54
C GLY C 175 31.86 -14.28 -2.96
N TYR C 176 31.10 -13.65 -3.87
CA TYR C 176 31.36 -12.25 -4.21
C TYR C 176 31.30 -11.36 -2.98
N ALA C 177 30.32 -11.58 -2.11
CA ALA C 177 30.21 -10.74 -0.92
C ALA C 177 31.42 -10.90 -0.01
N ASP C 178 31.89 -12.14 0.19
CA ASP C 178 33.08 -12.36 1.01
C ASP C 178 34.31 -11.71 0.38
N ILE C 179 34.46 -11.85 -0.95
CA ILE C 179 35.60 -11.24 -1.62
C ILE C 179 35.56 -9.72 -1.48
N PHE C 180 34.39 -9.12 -1.65
CA PHE C 180 34.26 -7.68 -1.49
C PHE C 180 34.58 -7.24 -0.07
N LEU C 181 34.11 -8.00 0.93
CA LEU C 181 34.40 -7.65 2.31
C LEU C 181 35.89 -7.70 2.59
N ARG C 182 36.57 -8.74 2.11
CA ARG C 182 38.01 -8.83 2.34
C ARG C 182 38.77 -7.77 1.56
N ASN C 183 38.29 -7.39 0.37
CA ASN C 183 38.91 -6.31 -0.37
C ASN C 183 38.80 -4.98 0.37
N VAL C 184 37.63 -4.71 0.96
CA VAL C 184 37.45 -3.47 1.70
C VAL C 184 38.28 -3.50 2.98
N THR C 185 38.35 -4.65 3.64
CA THR C 185 39.12 -4.74 4.88
C THR C 185 40.59 -4.46 4.65
N ALA C 186 41.16 -4.99 3.58
CA ALA C 186 42.58 -4.83 3.28
C ALA C 186 42.91 -3.51 2.59
N SER C 187 41.91 -2.71 2.26
CA SER C 187 42.16 -1.44 1.58
C SER C 187 42.89 -0.49 2.51
N GLY C 188 43.97 0.11 2.02
CA GLY C 188 44.81 0.96 2.82
C GLY C 188 45.80 0.23 3.71
N VAL C 189 45.82 -1.11 3.66
CA VAL C 189 46.73 -1.91 4.45
C VAL C 189 47.83 -2.52 3.58
N ILE C 190 47.45 -3.18 2.49
CA ILE C 190 48.41 -3.73 1.54
C ILE C 190 47.99 -3.30 0.13
N PRO C 191 48.93 -3.10 -0.79
CA PRO C 191 48.54 -2.75 -2.16
C PRO C 191 47.80 -3.89 -2.83
N GLN C 192 46.87 -3.53 -3.71
CA GLN C 192 46.10 -4.49 -4.47
C GLN C 192 46.09 -4.06 -5.93
N ILE C 193 46.56 -4.95 -6.80
CA ILE C 193 46.63 -4.67 -8.23
C ILE C 193 45.76 -5.66 -8.97
N SER C 194 44.99 -5.17 -9.93
CA SER C 194 44.15 -6.01 -10.77
C SER C 194 44.56 -5.83 -12.22
N LEU C 195 44.57 -6.94 -12.97
CA LEU C 195 44.90 -6.92 -14.39
C LEU C 195 43.83 -7.70 -15.13
N ILE C 196 43.05 -7.00 -15.95
CA ILE C 196 41.98 -7.62 -16.71
C ILE C 196 42.58 -8.23 -17.97
N MET C 197 42.44 -9.55 -18.11
CA MET C 197 43.01 -10.27 -19.25
C MET C 197 41.96 -10.83 -20.18
N GLY C 198 40.70 -10.92 -19.77
CA GLY C 198 39.64 -11.42 -20.60
C GLY C 198 38.33 -10.69 -20.34
N PRO C 199 37.25 -11.18 -20.92
CA PRO C 199 35.95 -10.53 -20.73
C PRO C 199 35.35 -10.80 -19.35
N CYS C 200 35.30 -9.77 -18.50
CA CYS C 200 34.72 -9.88 -17.17
C CYS C 200 33.36 -9.18 -17.15
N ALA C 201 32.35 -9.89 -16.68
CA ALA C 201 30.99 -9.38 -16.67
C ALA C 201 30.31 -9.71 -15.35
N GLY C 202 29.32 -8.90 -15.00
CA GLY C 202 28.53 -9.15 -13.81
C GLY C 202 29.18 -8.62 -12.55
N GLY C 203 28.82 -9.26 -11.43
CA GLY C 203 29.30 -8.82 -10.13
C GLY C 203 30.81 -8.90 -10.00
N ALA C 204 31.45 -9.80 -10.75
CA ALA C 204 32.90 -9.90 -10.71
C ALA C 204 33.58 -8.63 -11.21
N VAL C 205 32.84 -7.76 -11.89
CA VAL C 205 33.39 -6.48 -12.31
C VAL C 205 33.71 -5.60 -11.10
N TYR C 206 33.00 -5.78 -9.99
CA TYR C 206 33.16 -4.87 -8.86
C TYR C 206 34.46 -5.12 -8.10
N SER C 207 34.98 -6.34 -8.13
CA SER C 207 36.22 -6.62 -7.40
C SER C 207 37.41 -5.82 -7.92
N PRO C 208 37.67 -5.73 -9.23
CA PRO C 208 38.75 -4.85 -9.69
C PRO C 208 38.53 -3.39 -9.34
N ALA C 209 37.28 -2.93 -9.31
CA ALA C 209 37.01 -1.52 -9.03
C ALA C 209 37.33 -1.15 -7.59
N LEU C 210 37.38 -2.12 -6.68
CA LEU C 210 37.70 -1.85 -5.29
C LEU C 210 39.19 -1.90 -4.99
N THR C 211 40.01 -2.30 -5.95
CA THR C 211 41.45 -2.35 -5.76
C THR C 211 42.08 -1.00 -6.09
N ASP C 212 43.38 -0.90 -5.81
CA ASP C 212 44.07 0.38 -6.00
C ASP C 212 44.28 0.72 -7.46
N PHE C 213 44.71 -0.26 -8.27
CA PHE C 213 45.02 -0.01 -9.67
C PHE C 213 44.39 -1.09 -10.53
N THR C 214 44.07 -0.72 -11.77
CA THR C 214 43.47 -1.63 -12.74
C THR C 214 44.13 -1.42 -14.09
N PHE C 215 44.50 -2.53 -14.74
CA PHE C 215 45.10 -2.49 -16.06
C PHE C 215 44.37 -3.44 -16.98
N MET C 216 44.36 -3.11 -18.27
CA MET C 216 43.65 -3.89 -19.27
C MET C 216 44.56 -4.18 -20.45
N VAL C 217 44.15 -5.18 -21.25
CA VAL C 217 44.87 -5.59 -22.44
C VAL C 217 44.01 -5.28 -23.65
N LYS C 218 44.60 -4.61 -24.63
CA LYS C 218 43.83 -4.16 -25.79
C LYS C 218 43.30 -5.34 -26.60
N ASP C 219 42.06 -5.21 -27.06
CA ASP C 219 41.39 -6.08 -28.02
C ASP C 219 41.02 -7.45 -27.47
N THR C 220 41.36 -7.77 -26.22
CA THR C 220 41.04 -9.07 -25.66
C THR C 220 40.37 -9.01 -24.29
N SER C 221 40.08 -7.83 -23.78
CA SER C 221 39.51 -7.68 -22.45
C SER C 221 38.28 -6.78 -22.50
N TYR C 222 37.31 -7.07 -21.64
CA TYR C 222 36.06 -6.32 -21.59
C TYR C 222 35.61 -6.17 -20.14
N LEU C 223 34.84 -5.11 -19.89
CA LEU C 223 34.28 -4.84 -18.57
C LEU C 223 32.89 -4.22 -18.76
N PHE C 224 31.85 -4.94 -18.35
CA PHE C 224 30.51 -4.40 -18.37
C PHE C 224 29.64 -5.17 -17.39
N ILE C 225 28.67 -4.46 -16.80
CA ILE C 225 27.77 -5.10 -15.85
C ILE C 225 26.83 -6.06 -16.57
N THR C 226 26.28 -5.64 -17.70
CA THR C 226 25.32 -6.44 -18.45
C THR C 226 25.77 -6.53 -19.92
N GLY C 227 25.40 -7.63 -20.56
CA GLY C 227 25.76 -7.87 -21.93
C GLY C 227 25.00 -6.99 -22.90
N PRO C 228 25.49 -6.90 -24.14
CA PRO C 228 24.81 -6.06 -25.13
C PRO C 228 23.39 -6.52 -25.44
N ASP C 229 23.09 -7.82 -25.27
CA ASP C 229 21.75 -8.31 -25.58
C ASP C 229 20.70 -7.68 -24.66
N VAL C 230 21.01 -7.58 -23.36
CA VAL C 230 20.06 -6.98 -22.42
C VAL C 230 19.86 -5.50 -22.75
N VAL C 231 20.92 -4.81 -23.11
CA VAL C 231 20.81 -3.39 -23.48
C VAL C 231 19.92 -3.25 -24.71
N LYS C 232 20.14 -4.10 -25.72
CA LYS C 232 19.31 -4.06 -26.92
C LYS C 232 17.85 -4.34 -26.60
N SER C 233 17.60 -5.30 -25.71
CA SER C 233 16.22 -5.64 -25.35
C SER C 233 15.55 -4.50 -24.59
N VAL C 234 16.28 -3.84 -23.70
CA VAL C 234 15.68 -2.88 -22.78
C VAL C 234 15.59 -1.49 -23.41
N THR C 235 16.74 -0.89 -23.72
CA THR C 235 16.77 0.50 -24.16
C THR C 235 16.65 0.65 -25.67
N ASN C 236 16.57 -0.46 -26.41
CA ASN C 236 16.43 -0.44 -27.86
C ASN C 236 17.58 0.33 -28.51
N GLU C 237 18.79 -0.17 -28.29
CA GLU C 237 19.99 0.40 -28.88
C GLU C 237 20.93 -0.72 -29.29
N ASP C 238 21.54 -0.57 -30.46
CA ASP C 238 22.44 -1.58 -30.99
C ASP C 238 23.88 -1.23 -30.65
N VAL C 239 24.61 -2.19 -30.10
CA VAL C 239 25.99 -2.00 -29.67
C VAL C 239 26.62 -3.36 -29.46
N THR C 240 27.90 -3.48 -29.80
CA THR C 240 28.66 -4.71 -29.57
C THR C 240 29.61 -4.50 -28.40
N GLN C 241 30.34 -5.57 -28.06
CA GLN C 241 31.17 -5.54 -26.86
C GLN C 241 32.33 -4.56 -26.98
N GLU C 242 32.84 -4.34 -28.19
CA GLU C 242 34.06 -3.55 -28.36
C GLU C 242 33.88 -2.12 -27.86
N GLU C 243 32.77 -1.48 -28.20
CA GLU C 243 32.49 -0.14 -27.73
C GLU C 243 31.53 -0.10 -26.56
N LEU C 244 31.21 -1.25 -25.97
CA LEU C 244 30.44 -1.29 -24.73
C LEU C 244 31.32 -1.47 -23.51
N GLY C 245 32.33 -2.33 -23.60
CA GLY C 245 33.22 -2.54 -22.47
C GLY C 245 34.67 -2.70 -22.88
N GLY C 246 35.04 -2.15 -24.03
CA GLY C 246 36.38 -2.31 -24.54
C GLY C 246 37.41 -1.54 -23.75
N ALA C 247 38.69 -1.88 -24.00
CA ALA C 247 39.78 -1.21 -23.31
C ALA C 247 39.83 0.27 -23.69
N LYS C 248 39.56 0.59 -24.95
CA LYS C 248 39.61 1.99 -25.38
C LYS C 248 38.58 2.83 -24.64
N THR C 249 37.36 2.29 -24.47
CA THR C 249 36.32 3.03 -23.77
C THR C 249 36.70 3.31 -22.33
N HIS C 250 37.23 2.30 -21.63
CA HIS C 250 37.52 2.46 -20.21
C HIS C 250 38.78 3.27 -19.97
N THR C 251 39.74 3.22 -20.88
CA THR C 251 40.97 3.98 -20.73
C THR C 251 40.92 5.35 -21.40
N THR C 252 39.81 5.68 -22.08
CA THR C 252 39.71 6.95 -22.78
C THR C 252 38.59 7.83 -22.24
N MET C 253 37.39 7.29 -22.05
CA MET C 253 36.26 8.12 -21.66
C MET C 253 35.40 7.52 -20.57
N SER C 254 35.94 6.61 -19.75
CA SER C 254 35.20 6.06 -18.63
C SER C 254 35.92 6.21 -17.30
N GLY C 255 37.26 6.23 -17.29
CA GLY C 255 37.99 6.44 -16.06
C GLY C 255 38.00 5.26 -15.12
N VAL C 256 37.77 4.05 -15.62
CA VAL C 256 37.78 2.86 -14.77
C VAL C 256 39.14 2.20 -14.76
N ALA C 257 39.78 2.06 -15.91
CA ALA C 257 41.11 1.49 -16.00
C ALA C 257 42.17 2.59 -15.97
N HIS C 258 43.41 2.18 -15.71
CA HIS C 258 44.53 3.12 -15.59
C HIS C 258 45.47 3.07 -16.76
N ARG C 259 45.71 1.90 -17.35
CA ARG C 259 46.60 1.78 -18.50
C ARG C 259 46.10 0.65 -19.40
N ALA C 260 46.55 0.68 -20.64
CA ALA C 260 46.24 -0.36 -21.61
C ALA C 260 47.51 -0.86 -22.25
N PHE C 261 47.57 -2.16 -22.52
CA PHE C 261 48.75 -2.79 -23.11
C PHE C 261 48.31 -3.63 -24.31
N GLU C 262 49.28 -3.85 -25.22
CA GLU C 262 48.94 -4.46 -26.50
C GLU C 262 48.69 -5.97 -26.36
N ASN C 263 49.50 -6.67 -25.57
CA ASN C 263 49.34 -8.12 -25.45
C ASN C 263 49.66 -8.52 -24.01
N ASP C 264 49.69 -9.83 -23.77
CA ASP C 264 49.86 -10.35 -22.41
C ASP C 264 51.30 -10.21 -21.92
N VAL C 265 52.27 -10.50 -22.78
CA VAL C 265 53.67 -10.50 -22.35
C VAL C 265 54.12 -9.10 -21.95
N ASP C 266 53.82 -8.11 -22.81
CA ASP C 266 54.18 -6.74 -22.49
C ASP C 266 53.45 -6.26 -21.24
N ALA C 267 52.19 -6.68 -21.08
CA ALA C 267 51.44 -6.32 -19.88
C ALA C 267 52.11 -6.87 -18.63
N LEU C 268 52.60 -8.11 -18.69
CA LEU C 268 53.23 -8.71 -17.50
C LEU C 268 54.58 -8.06 -17.20
N CYS C 269 55.37 -7.75 -18.23
CA CYS C 269 56.63 -7.06 -17.99
C CYS C 269 56.39 -5.68 -17.38
N ASN C 270 55.42 -4.93 -17.91
CA ASN C 270 55.08 -3.64 -17.34
C ASN C 270 54.55 -3.80 -15.92
N LEU C 271 53.82 -4.88 -15.64
CA LEU C 271 53.33 -5.11 -14.30
C LEU C 271 54.47 -5.33 -13.32
N ARG C 272 55.48 -6.11 -13.72
CA ARG C 272 56.65 -6.28 -12.86
C ARG C 272 57.37 -4.96 -12.62
N ASP C 273 57.55 -4.18 -13.69
CA ASP C 273 58.22 -2.89 -13.55
C ASP C 273 57.47 -1.97 -12.59
N PHE C 274 56.14 -1.93 -12.72
CA PHE C 274 55.33 -1.11 -11.82
C PHE C 274 55.38 -1.63 -10.39
N PHE C 275 55.36 -2.95 -10.22
CA PHE C 275 55.40 -3.54 -8.88
C PHE C 275 56.71 -3.22 -8.19
N ASN C 276 57.79 -3.04 -8.95
CA ASN C 276 59.05 -2.64 -8.34
C ASN C 276 58.95 -1.30 -7.60
N TYR C 277 57.98 -0.46 -7.97
CA TYR C 277 57.90 0.87 -7.35
C TYR C 277 57.34 0.80 -5.94
N LEU C 278 56.29 0.00 -5.72
CA LEU C 278 55.48 0.10 -4.52
C LEU C 278 56.14 -0.57 -3.32
N PRO C 279 55.83 -0.11 -2.11
CA PRO C 279 56.25 -0.84 -0.91
C PRO C 279 55.36 -2.04 -0.66
N LEU C 280 55.81 -2.91 0.25
CA LEU C 280 55.08 -4.15 0.50
C LEU C 280 53.83 -3.90 1.35
N SER C 281 53.89 -2.94 2.27
CA SER C 281 52.77 -2.69 3.17
C SER C 281 52.84 -1.26 3.67
N SER C 282 51.77 -0.84 4.35
CA SER C 282 51.72 0.51 4.87
C SER C 282 52.67 0.73 6.04
N GLN C 283 53.05 -0.34 6.75
CA GLN C 283 54.02 -0.20 7.83
C GLN C 283 55.39 0.19 7.29
N ASP C 284 55.81 -0.43 6.20
CA ASP C 284 57.13 -0.15 5.64
C ASP C 284 57.16 1.23 5.00
N PRO C 285 58.33 1.87 4.99
CA PRO C 285 58.47 3.18 4.33
C PRO C 285 58.60 3.02 2.83
N ALA C 286 58.70 4.14 2.14
CA ALA C 286 58.83 4.12 0.68
C ALA C 286 60.15 3.46 0.30
N PRO C 287 60.15 2.62 -0.74
CA PRO C 287 61.39 1.92 -1.12
C PRO C 287 62.47 2.90 -1.56
N VAL C 288 63.72 2.55 -1.24
CA VAL C 288 64.88 3.31 -1.66
C VAL C 288 65.81 2.36 -2.41
N ARG C 289 66.26 2.78 -3.59
CA ARG C 289 67.07 1.96 -4.46
C ARG C 289 68.44 2.60 -4.68
N GLU C 290 69.38 1.78 -5.14
CA GLU C 290 70.70 2.29 -5.47
C GLU C 290 70.64 3.23 -6.67
N CYS C 291 71.30 4.38 -6.55
CA CYS C 291 71.23 5.43 -7.55
C CYS C 291 72.62 5.71 -8.10
N HIS C 292 72.65 6.38 -9.27
CA HIS C 292 73.90 6.73 -9.93
C HIS C 292 73.88 8.17 -10.41
C11 BTN D . 12.60 -9.83 -16.55
O11 BTN D . 11.87 -10.81 -16.82
C10 BTN D . 14.09 -10.01 -16.47
C9 BTN D . 14.72 -9.68 -17.84
C8 BTN D . 14.99 -8.16 -17.94
C7 BTN D . 16.01 -7.75 -16.86
C2 BTN D . 15.67 -6.23 -16.34
S1 BTN D . 16.29 -5.28 -17.21
C6 BTN D . 17.88 -5.04 -16.58
C5 BTN D . 17.77 -5.17 -15.13
N1 BTN D . 18.80 -5.93 -14.66
C3 BTN D . 18.21 -7.18 -14.07
O3 BTN D . 18.82 -8.08 -13.56
N2 BTN D . 16.67 -7.11 -14.23
C4 BTN D . 16.37 -5.97 -14.83
PB ADP E . -35.79 4.34 -4.37
O1B ADP E . -35.29 5.01 -3.11
O2B ADP E . -34.68 4.40 -5.42
O3B ADP E . -36.11 2.89 -4.08
PA ADP E . -38.27 5.79 -3.99
O1A ADP E . -39.60 5.13 -4.26
O2A ADP E . -37.92 5.62 -2.54
O3A ADP E . -37.12 5.11 -4.93
O5' ADP E . -38.39 7.41 -4.34
C5' ADP E . -37.22 8.14 -4.48
C4' ADP E . -37.50 9.58 -4.19
O4' ADP E . -38.62 9.94 -4.75
C3' ADP E . -37.69 9.82 -2.54
O3' ADP E . -36.52 10.50 -1.99
C2' ADP E . -38.71 10.52 -2.36
O2' ADP E . -38.38 11.70 -1.48
C1' ADP E . -39.12 11.04 -3.83
N9 ADP E . -40.43 11.23 -3.92
C8 ADP E . -40.82 9.96 -4.02
N7 ADP E . -42.14 9.93 -4.12
C5 ADP E . -42.60 11.20 -4.07
C6 ADP E . -43.88 11.72 -4.14
N6 ADP E . -45.17 11.10 -4.27
N1 ADP E . -44.04 13.03 -4.07
C2 ADP E . -42.99 13.85 -3.94
N3 ADP E . -41.74 13.33 -3.88
C4 ADP E . -41.56 12.00 -3.95
MG MG F . -37.13 3.67 -2.39
O14 1VU G . 29.10 -24.12 -23.96
P2 1VU G . 30.06 -23.05 -23.68
O15 1VU G . 29.88 -21.88 -24.76
O16 1VU G . 31.44 -23.58 -23.74
O13 1VU G . 29.77 -22.44 -22.18
C23 1VU G . 30.12 -21.15 -21.93
C22 1VU G . 29.36 -20.64 -20.75
O12 1VU G . 28.30 -21.59 -20.40
C16 1VU G . 30.27 -20.58 -19.73
N2 1VU G . 29.94 -19.49 -18.84
C21 1VU G . 29.14 -19.68 -17.78
N6 1VU G . 28.50 -20.80 -17.29
C20 1VU G . 27.73 -20.71 -16.16
N5 1VU G . 27.60 -19.51 -15.51
C19 1VU G . 28.23 -18.42 -15.98
N4 1VU G . 28.00 -17.25 -15.21
C18 1VU G . 29.01 -18.50 -17.13
N3 1VU G . 29.74 -17.56 -17.82
C17 1VU G . 30.31 -18.16 -18.86
O11 1VU G . 31.68 -20.32 -20.44
C15 1VU G . 31.65 -21.07 -21.51
C14 1VU G . 32.48 -20.42 -22.64
O10 1VU G . 31.61 -19.69 -23.52
P1 1VU G . 32.31 -18.75 -24.67
O8 1VU G . 31.58 -18.94 -26.00
O9 1VU G . 33.76 -19.16 -24.85
O7 1VU G . 32.23 -17.16 -24.22
P 1VU G . 32.78 -15.92 -25.16
O5 1VU G . 32.02 -15.95 -26.52
O6 1VU G . 34.28 -16.10 -25.42
O4 1VU G . 32.50 -14.45 -24.37
C13 1VU G . 32.46 -14.43 -23.02
C10 1VU G . 31.04 -13.91 -22.52
C11 1VU G . 31.26 -12.97 -21.31
C12 1VU G . 30.36 -13.11 -23.66
C9 1VU G . 30.18 -15.12 -22.10
O3 1VU G . 30.76 -15.73 -21.04
C8 1VU G . 28.68 -14.67 -21.71
O2 1VU G . 27.86 -14.70 -22.49
N1 1VU G . 28.40 -14.25 -20.41
C7 1VU G . 27.00 -13.85 -20.07
C6 1VU G . 26.46 -14.77 -19.07
C5 1VU G . 25.37 -14.02 -18.21
O1 1VU G . 24.32 -13.88 -18.64
N 1VU G . 25.70 -13.51 -16.87
C4 1VU G . 27.09 -13.69 -16.31
C3 1VU G . 26.98 -13.92 -14.79
S 1VU G . 26.80 -12.31 -13.94
C2 1VU G . 26.05 -12.60 -12.29
O 1VU G . 25.64 -13.74 -11.97
C1 1VU G . 25.93 -11.40 -11.26
C 1VU G . 26.50 -11.81 -9.93
#